data_5MQC
#
_entry.id   5MQC
#
_cell.length_a   332.914
_cell.length_b   350.962
_cell.length_c   362.540
_cell.angle_alpha   90.00
_cell.angle_beta   90.00
_cell.angle_gamma   90.00
#
_symmetry.space_group_name_H-M   'I 2 2 2'
#
loop_
_entity.id
_entity.type
_entity.pdbx_description
1 polymer VP1
2 polymer VP3
3 polymer VP2
#
loop_
_entity_poly.entity_id
_entity_poly.type
_entity_poly.pdbx_seq_one_letter_code
_entity_poly.pdbx_strand_id
1 'polypeptide(L)'
;SNSGTEQQNPRGSSLLTDPESITKSDPYNPNISLLISGEVFTNFRNLIKRVNFRKATTLNGKRISDTFDINSLIEAPRLD
IAQYVDTETKEAKYGFSYFWSAPTTLNIVAEMYALYRGGVRVKVVTEKGVDFVRATVSPQQTYGSDVAPTTHISTPLAIE
QIPIKGVAEFQIPYYAPCLSSSFRANSETFYYSSGRNNLDIATSPPSINRYYAVGAGDDMDFSIFIGTPPCIHASQTAQF
TKIKQGKVYDLRYDQYDPFREVQDGTAFLNARSIEDSDLL
;
A
2 'polypeptide(L)'
;SKPLLPIANPTVLRPANTFAITDTNDMSHSLALSNDTNVPFVKALDGSGLDEMSFDYLKKIPQFIQSKFFTTTTKPQEVL
FQTKVMPHYFVPGGDVTVAMDKDITRTIWQPSHLAYITSMFKYWTGSLVYTFKFVKTDYHSGRVEVSFHPFSDYTTGTYS
DYTYRIIVDLREKSEFSVTIPFISPVPYKRISRPDWDKPYSKYAHASTGTLVLKALTSLKATNTVVSNSVEILIEVNAGD
DFNVIAPIENIFFPFSLSPGRKGMVAQ
;
C
3 'polypeptide(L)'
;MAEQINENYENKQQLVEQTEITTFENDLIVLEDGPQMEESLPFAFHGQHTDNRQHTVVNFLQRPQVIFDSSWASDVPRNK
QFMDSIMIPDDIISFPMFAEKLKGFSSLRATAVITVQFQTQPFQAGRVMLGSFPLPTLNPTRVKFATNHVSRLMLLNHVQ
CDIAKETEVSLRIPFVSPYNSYDLVSKRFPWAKVVGLVYSPLTTTIPVDFIVYGHFEDVELGCPTSGMLAQ
;
B
#
# COMPACT_ATOMS: atom_id res chain seq x y z
N SER A 1 14.39 15.69 23.62
CA SER A 1 13.59 16.89 23.39
C SER A 1 13.10 16.93 21.94
N ASN A 2 12.72 18.12 21.47
CA ASN A 2 12.22 18.25 20.12
C ASN A 2 13.31 18.09 19.08
N SER A 3 14.57 18.28 19.46
CA SER A 3 15.67 18.23 18.51
C SER A 3 16.81 17.43 19.11
N GLY A 4 17.73 17.03 18.26
CA GLY A 4 18.87 16.28 18.74
C GLY A 4 19.63 15.66 17.58
N THR A 5 20.51 14.74 17.94
CA THR A 5 21.39 14.10 16.96
C THR A 5 20.82 12.80 16.42
N GLU A 6 20.08 12.04 17.23
CA GLU A 6 19.38 10.85 16.77
C GLU A 6 18.14 11.24 15.98
N GLN A 7 17.70 10.31 15.12
CA GLN A 7 16.54 10.59 14.27
C GLN A 7 15.32 10.86 15.15
N GLN A 8 14.80 12.10 15.07
CA GLN A 8 13.78 12.52 16.02
C GLN A 8 12.40 11.96 15.73
N ASN A 9 12.16 11.45 14.54
CA ASN A 9 10.85 10.88 14.25
C ASN A 9 10.93 9.87 13.12
N PRO A 10 11.51 8.69 13.35
CA PRO A 10 11.52 7.66 12.30
C PRO A 10 10.14 7.05 12.10
N ARG A 11 9.99 6.17 11.13
CA ARG A 11 8.69 5.54 10.91
C ARG A 11 8.27 4.74 12.13
N GLY A 12 9.05 3.72 12.49
CA GLY A 12 8.70 2.86 13.60
C GLY A 12 8.36 3.61 14.87
N SER A 13 8.91 4.80 15.05
CA SER A 13 8.58 5.61 16.22
C SER A 13 7.32 6.43 16.01
N SER A 14 7.05 6.84 14.78
CA SER A 14 5.83 7.61 14.54
C SER A 14 4.58 6.78 14.76
N LEU A 15 4.64 5.47 14.49
CA LEU A 15 3.47 4.61 14.64
C LEU A 15 2.99 4.55 16.09
N LEU A 16 3.87 4.80 17.03
CA LEU A 16 3.57 4.58 18.44
C LEU A 16 3.49 5.86 19.27
N THR A 17 4.42 6.79 19.06
CA THR A 17 4.53 7.93 19.97
C THR A 17 4.79 9.20 19.18
N ASP A 18 4.16 10.29 19.60
CA ASP A 18 4.35 11.60 19.01
C ASP A 18 5.46 12.38 19.70
N PRO A 19 6.15 13.24 18.97
CA PRO A 19 7.16 14.11 19.59
C PRO A 19 6.54 15.13 20.54
N GLU A 20 7.41 15.79 21.31
CA GLU A 20 6.92 16.74 22.30
C GLU A 20 6.23 17.90 21.59
N SER A 21 5.26 18.47 22.28
CA SER A 21 4.50 19.57 21.69
C SER A 21 5.34 20.82 21.64
N ILE A 22 4.99 21.71 20.71
CA ILE A 22 5.67 23.00 20.67
C ILE A 22 5.39 23.78 21.94
N THR A 23 4.25 23.51 22.58
CA THR A 23 3.89 24.17 23.82
C THR A 23 4.60 23.57 25.02
N LYS A 24 5.26 22.43 24.84
CA LYS A 24 5.83 21.68 25.95
C LYS A 24 4.75 21.37 26.97
N SER A 25 3.55 21.10 26.48
CA SER A 25 2.41 20.73 27.31
C SER A 25 1.59 19.69 26.56
N ASP A 26 0.43 19.37 27.10
CA ASP A 26 -0.45 18.43 26.43
C ASP A 26 -1.02 19.08 25.19
N PRO A 27 -0.77 18.56 24.00
CA PRO A 27 -1.31 19.15 22.77
C PRO A 27 -2.64 18.59 22.31
N TYR A 28 -3.19 17.60 23.02
CA TYR A 28 -4.30 16.82 22.51
C TYR A 28 -5.64 17.39 22.99
N ASN A 29 -6.55 17.43 22.10
CA ASN A 29 -7.95 17.72 22.35
C ASN A 29 -8.76 16.44 22.35
N PRO A 30 -9.85 16.38 23.09
CA PRO A 30 -10.60 15.12 23.18
C PRO A 30 -11.42 14.86 21.93
N ASN A 31 -11.56 13.57 21.64
CA ASN A 31 -12.38 13.14 20.51
C ASN A 31 -13.82 13.56 20.73
N ILE A 32 -14.38 14.30 19.77
CA ILE A 32 -15.78 14.70 19.83
C ILE A 32 -16.43 14.44 18.48
N SER A 33 -15.96 13.41 17.78
CA SER A 33 -16.57 13.05 16.51
C SER A 33 -18.00 12.59 16.71
N LEU A 34 -18.26 11.83 17.77
CA LEU A 34 -19.62 11.35 18.04
C LEU A 34 -20.55 12.47 18.46
N LEU A 35 -19.99 13.61 18.86
CA LEU A 35 -20.77 14.71 19.42
C LEU A 35 -21.16 15.74 18.38
N ILE A 36 -20.44 15.78 17.28
CA ILE A 36 -20.74 16.67 16.18
C ILE A 36 -21.18 15.90 14.95
N SER A 37 -20.36 14.95 14.52
CA SER A 37 -20.71 14.10 13.39
C SER A 37 -21.90 13.21 13.72
N GLY A 38 -22.04 12.80 14.97
CA GLY A 38 -23.06 11.82 15.30
C GLY A 38 -22.66 10.40 15.05
N GLU A 39 -21.40 10.16 14.68
CA GLU A 39 -20.88 8.85 14.33
C GLU A 39 -19.38 8.92 14.48
N VAL A 40 -18.75 7.75 14.59
CA VAL A 40 -17.31 7.69 14.82
C VAL A 40 -16.67 6.88 13.70
N PHE A 41 -15.56 7.40 13.15
CA PHE A 41 -14.79 6.69 12.13
C PHE A 41 -13.40 6.37 12.67
N THR A 42 -13.04 5.08 12.66
CA THR A 42 -11.75 4.64 13.15
C THR A 42 -11.05 3.67 12.20
N ASN A 43 -11.80 2.87 11.44
CA ASN A 43 -11.16 1.83 10.65
C ASN A 43 -11.79 1.75 9.26
N PHE A 44 -10.93 1.61 8.25
CA PHE A 44 -11.38 1.44 6.87
C PHE A 44 -12.04 0.10 6.62
N ARG A 45 -11.85 -0.86 7.53
CA ARG A 45 -12.52 -2.14 7.42
C ARG A 45 -14.04 -1.99 7.41
N ASN A 46 -14.56 -1.01 8.16
CA ASN A 46 -15.99 -0.75 8.18
C ASN A 46 -16.43 0.13 7.02
N LEU A 47 -15.58 1.07 6.61
CA LEU A 47 -15.99 2.02 5.59
C LEU A 47 -16.15 1.35 4.24
N ILE A 48 -15.42 0.28 3.99
CA ILE A 48 -15.55 -0.37 2.70
C ILE A 48 -16.90 -1.05 2.55
N LYS A 49 -17.65 -1.23 3.63
CA LYS A 49 -18.97 -1.81 3.48
C LYS A 49 -19.86 -0.96 2.60
N ARG A 50 -19.53 0.32 2.44
CA ARG A 50 -20.37 1.21 1.65
C ARG A 50 -20.34 0.82 0.19
N VAL A 51 -21.51 0.65 -0.40
CA VAL A 51 -21.66 0.17 -1.77
C VAL A 51 -21.85 1.36 -2.70
N ASN A 52 -21.02 1.45 -3.72
CA ASN A 52 -21.16 2.43 -4.78
C ASN A 52 -21.05 1.72 -6.13
N PHE A 53 -21.47 2.41 -7.19
CA PHE A 53 -21.52 1.80 -8.50
C PHE A 53 -20.13 1.71 -9.11
N ARG A 54 -19.87 0.62 -9.85
CA ARG A 54 -18.53 0.28 -10.28
C ARG A 54 -18.38 0.12 -11.78
N LYS A 55 -19.28 -0.59 -12.46
CA LYS A 55 -19.14 -0.77 -13.89
C LYS A 55 -20.52 -0.89 -14.52
N ALA A 56 -20.56 -0.93 -15.84
CA ALA A 56 -21.81 -1.04 -16.57
C ALA A 56 -21.54 -1.78 -17.87
N THR A 57 -22.47 -2.65 -18.26
CA THR A 57 -22.36 -3.44 -19.48
C THR A 57 -23.38 -2.92 -20.48
N THR A 58 -22.91 -2.17 -21.47
CA THR A 58 -23.80 -1.59 -22.47
C THR A 58 -23.51 -2.07 -23.88
N LEU A 59 -22.25 -2.28 -24.21
CA LEU A 59 -21.83 -2.44 -25.59
C LEU A 59 -22.00 -3.85 -26.11
N ASN A 60 -22.68 -4.72 -25.38
CA ASN A 60 -23.11 -5.99 -25.94
C ASN A 60 -24.54 -5.83 -26.44
N GLY A 61 -25.12 -6.90 -26.96
CA GLY A 61 -26.47 -6.88 -27.48
C GLY A 61 -27.52 -7.16 -26.43
N LYS A 62 -28.70 -7.55 -26.90
CA LYS A 62 -29.73 -8.09 -26.02
C LYS A 62 -29.33 -9.52 -25.69
N ARG A 63 -28.57 -9.68 -24.62
CA ARG A 63 -28.11 -10.98 -24.15
C ARG A 63 -28.87 -11.38 -22.91
N ILE A 64 -28.69 -12.64 -22.54
CA ILE A 64 -29.28 -13.19 -21.33
C ILE A 64 -28.22 -13.51 -20.28
N SER A 65 -27.00 -13.00 -20.47
CA SER A 65 -25.90 -13.31 -19.58
C SER A 65 -24.84 -12.21 -19.66
N ASP A 66 -23.98 -12.17 -18.65
CA ASP A 66 -22.83 -11.25 -18.64
C ASP A 66 -21.80 -11.83 -17.68
N THR A 67 -20.73 -12.40 -18.23
CA THR A 67 -19.70 -13.05 -17.44
C THR A 67 -18.47 -12.16 -17.36
N PHE A 68 -17.88 -12.04 -16.18
CA PHE A 68 -16.71 -11.20 -15.98
C PHE A 68 -16.03 -11.57 -14.68
N ASP A 69 -14.76 -11.24 -14.58
CA ASP A 69 -13.96 -11.62 -13.42
C ASP A 69 -14.34 -10.80 -12.20
N ILE A 70 -14.18 -11.41 -11.03
CA ILE A 70 -14.59 -10.78 -9.77
C ILE A 70 -13.47 -9.95 -9.17
N ASN A 71 -12.25 -10.49 -9.14
CA ASN A 71 -11.12 -9.74 -8.61
C ASN A 71 -10.87 -8.43 -9.35
N SER A 72 -11.29 -8.33 -10.61
CA SER A 72 -11.14 -7.07 -11.32
C SER A 72 -11.97 -5.95 -10.71
N LEU A 73 -12.95 -6.29 -9.89
CA LEU A 73 -13.77 -5.27 -9.26
C LEU A 73 -13.09 -4.69 -8.03
N ILE A 74 -12.16 -5.42 -7.42
CA ILE A 74 -11.45 -4.86 -6.28
C ILE A 74 -10.41 -3.85 -6.76
N GLU A 75 -9.85 -4.05 -7.95
CA GLU A 75 -9.02 -3.03 -8.56
C GLU A 75 -9.83 -1.76 -8.80
N ALA A 76 -9.15 -0.64 -8.82
CA ALA A 76 -9.77 0.54 -9.41
C ALA A 76 -9.68 0.42 -10.93
N PRO A 77 -10.69 0.89 -11.65
CA PRO A 77 -10.71 0.70 -13.11
C PRO A 77 -9.52 1.38 -13.79
N ARG A 78 -9.23 0.95 -15.01
CA ARG A 78 -8.13 1.55 -15.74
C ARG A 78 -8.51 2.94 -16.19
N LEU A 79 -7.56 3.87 -16.05
CA LEU A 79 -7.70 5.20 -16.62
C LEU A 79 -7.19 5.19 -18.05
N ASP A 80 -7.96 5.78 -18.96
CA ASP A 80 -7.67 5.75 -20.38
C ASP A 80 -7.38 7.17 -20.89
N ILE A 81 -6.57 7.24 -21.94
CA ILE A 81 -6.29 8.50 -22.64
C ILE A 81 -7.17 8.57 -23.87
N ALA A 82 -7.89 9.67 -24.03
CA ALA A 82 -8.88 9.82 -25.08
C ALA A 82 -8.39 10.80 -26.13
N GLN A 83 -8.41 10.35 -27.38
CA GLN A 83 -8.08 11.21 -28.52
C GLN A 83 -9.39 11.79 -29.05
N TYR A 84 -9.46 13.12 -29.10
CA TYR A 84 -10.57 13.82 -29.71
C TYR A 84 -10.08 14.54 -30.95
N VAL A 85 -10.85 14.47 -32.03
CA VAL A 85 -10.54 15.17 -33.27
C VAL A 85 -11.65 16.15 -33.59
N ASP A 86 -11.27 17.40 -33.87
CA ASP A 86 -12.24 18.44 -34.17
C ASP A 86 -12.84 18.22 -35.55
N THR A 87 -14.16 17.94 -35.60
CA THR A 87 -14.82 17.66 -36.87
C THR A 87 -14.62 18.78 -37.87
N GLU A 88 -14.38 20.00 -37.41
CA GLU A 88 -14.09 21.09 -38.33
C GLU A 88 -12.59 21.19 -38.61
N THR A 89 -11.83 21.74 -37.67
CA THR A 89 -10.46 22.16 -37.89
C THR A 89 -9.44 21.01 -37.84
N LYS A 90 -9.84 19.81 -37.41
CA LYS A 90 -9.05 18.60 -37.58
C LYS A 90 -7.75 18.59 -36.79
N GLU A 91 -7.67 19.34 -35.69
CA GLU A 91 -6.57 19.19 -34.76
C GLU A 91 -7.00 18.38 -33.55
N ALA A 92 -6.04 17.70 -32.92
CA ALA A 92 -6.34 16.77 -31.85
C ALA A 92 -6.34 17.48 -30.50
N LYS A 93 -7.31 17.13 -29.66
CA LYS A 93 -7.33 17.52 -28.26
C LYS A 93 -7.37 16.25 -27.43
N TYR A 94 -6.76 16.31 -26.25
CA TYR A 94 -6.48 15.10 -25.47
C TYR A 94 -6.94 15.22 -24.03
N GLY A 95 -7.64 14.20 -23.55
CA GLY A 95 -8.15 14.19 -22.19
C GLY A 95 -8.06 12.83 -21.53
N PHE A 96 -8.77 12.65 -20.42
CA PHE A 96 -8.79 11.39 -19.69
C PHE A 96 -10.21 10.83 -19.67
N SER A 97 -10.33 9.54 -19.35
CA SER A 97 -11.60 8.86 -19.52
C SER A 97 -11.64 7.56 -18.72
N TYR A 98 -12.81 7.29 -18.12
CA TYR A 98 -13.14 5.99 -17.52
C TYR A 98 -14.12 5.29 -18.44
N PHE A 99 -13.69 4.21 -19.07
CA PHE A 99 -14.53 3.53 -20.04
C PHE A 99 -15.58 2.71 -19.29
N TRP A 100 -16.80 3.24 -19.23
CA TRP A 100 -17.92 2.56 -18.62
C TRP A 100 -17.58 2.03 -17.23
N SER A 101 -16.82 2.82 -16.47
CA SER A 101 -16.34 2.36 -15.18
C SER A 101 -16.14 3.58 -14.28
N ALA A 102 -15.78 3.30 -13.03
CA ALA A 102 -15.56 4.27 -11.97
C ALA A 102 -15.13 3.53 -10.70
N PRO A 103 -14.40 4.16 -9.80
CA PRO A 103 -14.00 3.48 -8.57
C PRO A 103 -15.10 3.56 -7.51
N THR A 104 -14.95 2.72 -6.50
CA THR A 104 -15.90 2.59 -5.40
C THR A 104 -15.22 3.03 -4.12
N THR A 105 -16.04 3.26 -3.08
CA THR A 105 -15.48 3.33 -1.74
C THR A 105 -14.51 2.18 -1.52
N LEU A 106 -14.92 0.96 -1.87
CA LEU A 106 -14.05 -0.19 -1.74
C LEU A 106 -12.74 0.02 -2.48
N ASN A 107 -12.78 0.60 -3.66
CA ASN A 107 -11.57 0.71 -4.47
C ASN A 107 -10.61 1.73 -3.92
N ILE A 108 -11.09 2.68 -3.11
CA ILE A 108 -10.17 3.65 -2.53
C ILE A 108 -9.32 2.98 -1.48
N VAL A 109 -9.86 2.01 -0.76
CA VAL A 109 -9.13 1.32 0.29
C VAL A 109 -8.30 0.17 -0.27
N ALA A 110 -8.84 -0.54 -1.25
CA ALA A 110 -8.17 -1.72 -1.74
C ALA A 110 -6.89 -1.38 -2.50
N GLU A 111 -6.80 -0.17 -3.01
CA GLU A 111 -5.63 0.19 -3.78
C GLU A 111 -4.47 0.61 -2.90
N MET A 112 -4.66 0.65 -1.58
CA MET A 112 -3.57 0.88 -0.65
C MET A 112 -2.93 -0.40 -0.16
N TYR A 113 -3.48 -1.56 -0.52
CA TYR A 113 -3.06 -2.82 0.07
C TYR A 113 -2.69 -3.80 -1.04
N ALA A 114 -1.99 -4.87 -0.65
CA ALA A 114 -1.46 -5.82 -1.62
C ALA A 114 -2.36 -7.03 -1.82
N LEU A 115 -2.83 -7.64 -0.74
CA LEU A 115 -3.64 -8.84 -0.82
C LEU A 115 -4.99 -8.57 -0.19
N TYR A 116 -5.94 -9.44 -0.48
CA TYR A 116 -7.28 -9.36 0.08
C TYR A 116 -7.68 -10.73 0.56
N ARG A 117 -8.73 -10.73 1.37
CA ARG A 117 -9.27 -11.94 1.94
C ARG A 117 -10.70 -11.60 2.31
N GLY A 118 -11.64 -12.35 1.76
CA GLY A 118 -13.04 -12.24 2.08
C GLY A 118 -13.93 -12.16 0.86
N GLY A 119 -15.20 -12.05 1.11
CA GLY A 119 -16.19 -12.04 0.06
C GLY A 119 -16.51 -10.66 -0.47
N VAL A 120 -16.89 -10.62 -1.75
CA VAL A 120 -17.24 -9.39 -2.43
C VAL A 120 -18.76 -9.35 -2.61
N ARG A 121 -19.34 -8.17 -2.46
CA ARG A 121 -20.78 -7.98 -2.59
C ARG A 121 -21.08 -7.24 -3.87
N VAL A 122 -22.00 -7.79 -4.66
CA VAL A 122 -22.33 -7.23 -5.97
C VAL A 122 -23.84 -7.02 -6.01
N LYS A 123 -24.27 -5.81 -6.34
CA LYS A 123 -25.67 -5.48 -6.48
C LYS A 123 -25.91 -4.91 -7.87
N VAL A 124 -26.99 -5.36 -8.52
CA VAL A 124 -27.24 -5.09 -9.93
C VAL A 124 -28.49 -4.25 -10.07
N VAL A 125 -28.47 -3.33 -11.02
CA VAL A 125 -29.65 -2.58 -11.42
C VAL A 125 -29.85 -2.77 -12.92
N THR A 126 -31.06 -3.12 -13.32
CA THR A 126 -31.36 -3.45 -14.71
C THR A 126 -32.39 -2.47 -15.26
N GLU A 127 -32.69 -2.63 -16.53
CA GLU A 127 -33.67 -1.78 -17.19
C GLU A 127 -35.08 -2.31 -16.93
N LYS A 128 -36.07 -1.59 -17.45
CA LYS A 128 -37.47 -1.95 -17.24
C LYS A 128 -37.83 -3.24 -17.95
N GLY A 129 -38.88 -3.89 -17.43
CA GLY A 129 -39.37 -5.12 -18.02
C GLY A 129 -38.64 -6.36 -17.60
N VAL A 130 -37.44 -6.23 -17.04
CA VAL A 130 -36.73 -7.39 -16.53
C VAL A 130 -37.51 -7.97 -15.36
N ASP A 131 -37.73 -9.28 -15.40
CA ASP A 131 -38.44 -9.92 -14.29
C ASP A 131 -37.49 -10.51 -13.25
N PHE A 132 -36.44 -11.19 -13.68
CA PHE A 132 -35.56 -11.89 -12.76
C PHE A 132 -34.11 -11.49 -13.01
N VAL A 133 -33.26 -11.83 -12.06
CA VAL A 133 -31.80 -11.76 -12.20
C VAL A 133 -31.21 -12.93 -11.42
N ARG A 134 -30.27 -13.64 -12.03
CA ARG A 134 -29.67 -14.81 -11.42
C ARG A 134 -28.16 -14.67 -11.39
N ALA A 135 -27.55 -15.16 -10.31
CA ALA A 135 -26.11 -15.04 -10.13
C ALA A 135 -25.51 -16.42 -9.87
N THR A 136 -24.36 -16.68 -10.51
CA THR A 136 -23.65 -17.94 -10.33
C THR A 136 -22.15 -17.67 -10.50
N VAL A 137 -21.33 -18.38 -9.72
CA VAL A 137 -19.89 -18.29 -9.86
C VAL A 137 -19.39 -19.59 -10.48
N SER A 138 -18.30 -19.47 -11.25
CA SER A 138 -17.69 -20.62 -11.89
C SER A 138 -16.19 -20.35 -12.01
N PRO A 139 -15.36 -21.40 -12.08
CA PRO A 139 -13.93 -21.23 -11.88
C PRO A 139 -13.13 -20.59 -13.01
N GLN A 140 -13.76 -20.19 -14.12
CA GLN A 140 -13.07 -19.55 -15.24
C GLN A 140 -12.09 -20.48 -15.97
N GLN A 141 -11.54 -21.46 -15.28
CA GLN A 141 -10.56 -22.35 -15.89
C GLN A 141 -10.79 -23.76 -15.34
N THR A 142 -11.23 -24.67 -16.20
CA THR A 142 -11.10 -26.07 -15.86
C THR A 142 -9.64 -26.44 -16.05
N TYR A 143 -8.91 -26.52 -14.94
CA TYR A 143 -7.46 -26.65 -14.96
C TYR A 143 -7.06 -27.86 -15.77
N GLY A 144 -6.15 -27.66 -16.71
CA GLY A 144 -5.70 -28.74 -17.54
C GLY A 144 -6.50 -28.96 -18.80
N SER A 145 -7.58 -28.22 -19.00
CA SER A 145 -8.37 -28.28 -20.22
C SER A 145 -8.26 -26.97 -20.98
N ASP A 146 -8.17 -27.06 -22.31
CA ASP A 146 -8.09 -25.85 -23.11
C ASP A 146 -9.40 -25.05 -23.09
N VAL A 147 -10.50 -25.67 -22.69
CA VAL A 147 -11.80 -25.01 -22.66
C VAL A 147 -12.50 -25.32 -21.35
N ALA A 148 -13.33 -24.41 -20.93
CA ALA A 148 -14.19 -24.46 -19.76
C ALA A 148 -15.62 -24.77 -20.17
N PRO A 149 -16.41 -25.45 -19.33
CA PRO A 149 -17.79 -25.76 -19.70
C PRO A 149 -18.61 -24.51 -19.88
N THR A 150 -19.74 -24.64 -20.57
CA THR A 150 -20.69 -23.55 -20.67
C THR A 150 -21.82 -23.67 -19.67
N THR A 151 -22.01 -24.82 -19.04
CA THR A 151 -22.95 -24.98 -17.94
C THR A 151 -22.23 -25.58 -16.73
N HIS A 152 -22.96 -25.65 -15.63
CA HIS A 152 -22.54 -26.33 -14.42
C HIS A 152 -23.78 -26.89 -13.75
N ILE A 153 -23.60 -27.93 -12.93
CA ILE A 153 -24.72 -28.62 -12.31
C ILE A 153 -24.68 -28.58 -10.80
N SER A 154 -23.58 -28.12 -10.19
CA SER A 154 -23.50 -28.04 -8.74
C SER A 154 -23.06 -26.67 -8.26
N THR A 155 -23.15 -25.66 -9.11
CA THR A 155 -22.72 -24.31 -8.77
C THR A 155 -23.81 -23.59 -7.98
N PRO A 156 -23.47 -22.47 -7.35
CA PRO A 156 -24.49 -21.72 -6.61
C PRO A 156 -25.42 -20.98 -7.56
N LEU A 157 -26.69 -20.96 -7.21
CA LEU A 157 -27.68 -20.17 -7.94
C LEU A 157 -28.42 -19.26 -6.97
N ALA A 158 -28.70 -18.02 -7.40
CA ALA A 158 -29.37 -17.06 -6.53
C ALA A 158 -30.25 -16.16 -7.37
N ILE A 159 -31.57 -16.21 -7.15
CA ILE A 159 -32.54 -15.54 -8.00
C ILE A 159 -33.19 -14.40 -7.22
N GLU A 160 -33.17 -13.20 -7.80
CA GLU A 160 -33.86 -12.03 -7.29
C GLU A 160 -34.91 -11.57 -8.30
N GLN A 161 -36.05 -11.12 -7.81
CA GLN A 161 -37.17 -10.75 -8.66
C GLN A 161 -37.31 -9.23 -8.68
N ILE A 162 -36.98 -8.61 -9.80
CA ILE A 162 -36.85 -7.17 -9.91
C ILE A 162 -38.16 -6.45 -9.58
N PRO A 163 -39.29 -6.72 -10.24
CA PRO A 163 -40.48 -5.87 -10.01
C PRO A 163 -41.01 -5.93 -8.59
N ILE A 164 -40.44 -6.77 -7.73
CA ILE A 164 -40.75 -6.75 -6.31
C ILE A 164 -39.52 -6.43 -5.45
N LYS A 165 -38.32 -6.53 -6.01
CA LYS A 165 -37.12 -6.02 -5.36
C LYS A 165 -36.23 -5.49 -6.46
N GLY A 166 -36.14 -4.16 -6.59
CA GLY A 166 -35.56 -3.56 -7.78
C GLY A 166 -34.05 -3.69 -7.90
N VAL A 167 -33.36 -3.90 -6.79
CA VAL A 167 -31.91 -4.07 -6.80
C VAL A 167 -31.60 -5.53 -6.46
N ALA A 168 -30.89 -6.20 -7.35
CA ALA A 168 -30.58 -7.61 -7.16
C ALA A 168 -29.26 -7.72 -6.43
N GLU A 169 -29.32 -8.02 -5.14
CA GLU A 169 -28.14 -8.06 -4.28
C GLU A 169 -27.61 -9.48 -4.17
N PHE A 170 -26.32 -9.65 -4.43
CA PHE A 170 -25.67 -10.94 -4.30
C PHE A 170 -24.40 -10.80 -3.48
N GLN A 171 -23.97 -11.89 -2.85
CA GLN A 171 -22.71 -11.91 -2.12
C GLN A 171 -21.88 -13.08 -2.61
N ILE A 172 -20.68 -12.81 -3.11
CA ILE A 172 -19.82 -13.83 -3.68
C ILE A 172 -18.73 -14.18 -2.67
N PRO A 173 -18.67 -15.41 -2.20
CA PRO A 173 -17.72 -15.74 -1.14
C PRO A 173 -16.27 -15.68 -1.58
N TYR A 174 -15.37 -16.01 -0.66
CA TYR A 174 -13.94 -16.10 -0.92
C TYR A 174 -13.62 -17.57 -1.17
N TYR A 175 -13.33 -17.90 -2.43
CA TYR A 175 -12.97 -19.26 -2.83
C TYR A 175 -11.62 -19.19 -3.55
N ALA A 176 -10.56 -19.50 -2.83
CA ALA A 176 -9.19 -19.46 -3.33
C ALA A 176 -8.37 -20.43 -2.52
N PRO A 177 -7.30 -20.98 -3.09
CA PRO A 177 -6.53 -22.00 -2.36
C PRO A 177 -5.75 -21.45 -1.18
N CYS A 178 -5.42 -20.16 -1.18
CA CYS A 178 -4.47 -19.59 -0.25
C CYS A 178 -5.17 -18.81 0.85
N LEU A 179 -4.41 -18.50 1.90
CA LEU A 179 -4.94 -17.77 3.04
C LEU A 179 -5.55 -16.46 2.57
N SER A 180 -4.72 -15.56 2.05
CA SER A 180 -5.15 -14.29 1.48
C SER A 180 -4.74 -14.24 0.02
N SER A 181 -5.64 -13.79 -0.85
CA SER A 181 -5.42 -13.87 -2.28
C SER A 181 -4.94 -12.53 -2.84
N SER A 182 -4.62 -12.55 -4.13
CA SER A 182 -4.21 -11.36 -4.87
C SER A 182 -5.29 -10.98 -5.86
N PHE A 183 -5.42 -9.68 -6.13
CA PHE A 183 -6.50 -9.18 -6.98
C PHE A 183 -6.03 -8.33 -8.14
N ARG A 184 -4.74 -8.09 -8.30
CA ARG A 184 -4.20 -7.33 -9.41
C ARG A 184 -3.59 -8.25 -10.46
N ALA A 185 -3.39 -7.70 -11.65
CA ALA A 185 -2.89 -8.49 -12.75
C ALA A 185 -1.41 -8.78 -12.56
N ASN A 186 -1.00 -9.99 -12.95
CA ASN A 186 0.41 -10.37 -12.93
C ASN A 186 0.65 -11.33 -14.07
N SER A 187 1.92 -11.63 -14.32
CA SER A 187 2.29 -12.60 -15.33
C SER A 187 2.66 -13.95 -14.73
N GLU A 188 2.33 -14.18 -13.48
CA GLU A 188 2.62 -15.46 -12.85
C GLU A 188 1.77 -16.55 -13.48
N THR A 189 2.40 -17.66 -13.85
CA THR A 189 1.71 -18.75 -14.54
C THR A 189 2.06 -20.13 -14.03
N PHE A 190 3.03 -20.26 -13.12
CA PHE A 190 3.48 -21.58 -12.68
C PHE A 190 2.40 -22.27 -11.85
N TYR A 191 2.03 -21.67 -10.73
CA TYR A 191 0.76 -21.90 -10.06
C TYR A 191 0.26 -20.56 -9.55
N TYR A 192 -0.99 -20.52 -9.15
CA TYR A 192 -1.67 -19.25 -9.03
C TYR A 192 -1.97 -18.87 -7.59
N SER A 193 -1.93 -17.56 -7.33
CA SER A 193 -2.23 -16.98 -6.04
C SER A 193 -3.60 -16.34 -5.98
N SER A 194 -4.19 -16.02 -7.12
CA SER A 194 -5.55 -15.50 -7.14
C SER A 194 -6.54 -16.67 -7.23
N GLY A 195 -7.70 -16.47 -6.64
CA GLY A 195 -8.80 -17.37 -6.90
C GLY A 195 -9.57 -16.86 -8.09
N ARG A 196 -9.34 -17.43 -9.27
CA ARG A 196 -9.92 -16.93 -10.51
C ARG A 196 -11.37 -17.40 -10.65
N ASN A 197 -12.31 -16.48 -10.51
CA ASN A 197 -13.73 -16.81 -10.54
C ASN A 197 -14.48 -15.94 -11.53
N ASN A 198 -15.43 -16.54 -12.23
CA ASN A 198 -16.39 -15.80 -13.04
C ASN A 198 -17.65 -15.56 -12.23
N LEU A 199 -18.49 -14.66 -12.75
CA LEU A 199 -19.77 -14.37 -12.13
C LEU A 199 -20.75 -14.05 -13.26
N ASP A 200 -21.81 -14.82 -13.38
CA ASP A 200 -22.72 -14.74 -14.51
C ASP A 200 -24.05 -14.17 -14.04
N ILE A 201 -24.36 -12.96 -14.47
CA ILE A 201 -25.61 -12.29 -14.14
C ILE A 201 -26.55 -12.46 -15.33
N ALA A 202 -27.69 -13.10 -15.10
CA ALA A 202 -28.70 -13.36 -16.13
C ALA A 202 -29.89 -12.44 -15.93
N THR A 203 -30.65 -12.21 -17.02
CA THR A 203 -31.87 -11.45 -16.94
C THR A 203 -32.95 -12.18 -17.72
N SER A 204 -34.13 -12.29 -17.15
CA SER A 204 -35.27 -12.87 -17.85
C SER A 204 -36.36 -11.81 -17.87
N PRO A 205 -36.73 -11.26 -19.04
CA PRO A 205 -36.24 -11.53 -20.39
C PRO A 205 -34.85 -10.97 -20.61
N PRO A 206 -34.18 -11.36 -21.69
CA PRO A 206 -32.82 -10.84 -21.92
C PRO A 206 -32.84 -9.35 -22.15
N SER A 207 -31.83 -8.66 -21.62
CA SER A 207 -31.73 -7.22 -21.69
C SER A 207 -30.32 -6.81 -22.07
N ILE A 208 -30.13 -5.52 -22.29
CA ILE A 208 -28.87 -4.96 -22.77
C ILE A 208 -28.06 -4.33 -21.65
N ASN A 209 -28.68 -3.41 -20.93
CA ASN A 209 -28.00 -2.63 -19.93
C ASN A 209 -27.98 -3.35 -18.59
N ARG A 210 -26.78 -3.50 -18.04
CA ARG A 210 -26.58 -4.03 -16.70
C ARG A 210 -25.72 -3.05 -15.94
N TYR A 211 -26.23 -2.54 -14.83
CA TYR A 211 -25.50 -1.62 -13.97
C TYR A 211 -25.12 -2.36 -12.69
N TYR A 212 -23.83 -2.35 -12.37
CA TYR A 212 -23.28 -3.10 -11.25
C TYR A 212 -22.75 -2.15 -10.19
N ALA A 213 -23.12 -2.39 -8.94
CA ALA A 213 -22.59 -1.66 -7.79
C ALA A 213 -21.92 -2.67 -6.86
N VAL A 214 -20.73 -2.35 -6.42
CA VAL A 214 -19.92 -3.29 -5.66
C VAL A 214 -19.63 -2.71 -4.29
N GLY A 215 -19.38 -3.60 -3.34
CA GLY A 215 -19.08 -3.22 -1.98
C GLY A 215 -18.42 -4.38 -1.28
N ALA A 216 -17.99 -4.13 -0.06
CA ALA A 216 -17.26 -5.12 0.72
C ALA A 216 -18.24 -6.01 1.48
N GLY A 217 -18.02 -7.31 1.40
CA GLY A 217 -18.70 -8.24 2.28
C GLY A 217 -18.17 -8.13 3.69
N ASP A 218 -18.94 -8.72 4.62
CA ASP A 218 -18.60 -8.59 6.03
C ASP A 218 -17.18 -9.04 6.30
N ASP A 219 -16.78 -10.17 5.72
CA ASP A 219 -15.48 -10.75 5.98
C ASP A 219 -14.36 -10.12 5.17
N MET A 220 -14.53 -8.91 4.65
CA MET A 220 -13.52 -8.30 3.81
C MET A 220 -12.33 -7.83 4.63
N ASP A 221 -11.13 -8.14 4.16
CA ASP A 221 -9.91 -7.79 4.87
C ASP A 221 -8.78 -7.69 3.86
N PHE A 222 -8.01 -6.62 3.97
CA PHE A 222 -6.80 -6.44 3.18
C PHE A 222 -5.60 -6.58 4.11
N SER A 223 -4.45 -6.85 3.51
CA SER A 223 -3.33 -7.43 4.24
C SER A 223 -2.14 -6.47 4.35
N ILE A 224 -1.47 -6.17 3.26
CA ILE A 224 -0.18 -5.50 3.33
C ILE A 224 -0.31 -4.11 2.75
N PHE A 225 -0.05 -3.10 3.58
CA PHE A 225 0.02 -1.73 3.09
C PHE A 225 1.16 -1.61 2.08
N ILE A 226 0.89 -0.94 0.97
CA ILE A 226 1.90 -0.76 -0.08
C ILE A 226 2.05 0.71 -0.43
N GLY A 227 0.96 1.47 -0.36
CA GLY A 227 1.07 2.88 -0.60
C GLY A 227 -0.09 3.48 -1.36
N THR A 228 -0.08 4.80 -1.54
CA THR A 228 -1.18 5.48 -2.20
C THR A 228 -1.12 5.22 -3.71
N PRO A 229 -2.25 5.05 -4.36
CA PRO A 229 -2.25 4.68 -5.77
C PRO A 229 -2.05 5.90 -6.64
N PRO A 230 -1.93 5.73 -7.96
CA PRO A 230 -2.01 6.90 -8.86
C PRO A 230 -3.43 7.43 -8.93
N CYS A 231 -3.58 8.73 -8.71
CA CYS A 231 -4.89 9.35 -8.57
C CYS A 231 -5.10 10.38 -9.66
N ILE A 232 -6.34 10.83 -9.77
CA ILE A 232 -6.72 11.93 -10.65
C ILE A 232 -7.61 12.87 -9.87
N HIS A 233 -7.46 14.17 -10.13
CA HIS A 233 -8.21 15.18 -9.39
C HIS A 233 -9.70 15.06 -9.69
N ALA A 234 -10.52 15.13 -8.64
CA ALA A 234 -11.95 15.06 -8.84
C ALA A 234 -12.50 16.31 -9.52
N SER A 235 -11.86 17.47 -9.28
CA SER A 235 -12.29 18.70 -9.94
C SER A 235 -12.13 18.60 -11.45
N GLN A 236 -11.26 17.73 -11.94
CA GLN A 236 -11.05 17.57 -13.38
C GLN A 236 -12.26 17.01 -14.09
N THR A 237 -13.31 16.68 -13.34
CA THR A 237 -14.52 16.15 -13.96
C THR A 237 -15.32 17.24 -14.64
N ALA A 238 -15.27 18.45 -14.11
CA ALA A 238 -16.07 19.56 -14.61
C ALA A 238 -15.30 20.46 -15.55
N GLN A 239 -13.98 20.38 -15.56
CA GLN A 239 -13.19 21.20 -16.48
C GLN A 239 -13.32 20.66 -17.89
N PHE A 240 -13.52 21.55 -18.86
CA PHE A 240 -13.67 21.13 -20.24
C PHE A 240 -13.09 22.17 -21.17
N THR A 241 -12.64 21.72 -22.34
CA THR A 241 -12.27 22.59 -23.43
C THR A 241 -13.29 22.44 -24.54
N LYS A 242 -13.77 23.54 -25.08
CA LYS A 242 -14.82 23.49 -26.08
C LYS A 242 -14.21 23.39 -27.47
N ILE A 243 -14.80 22.52 -28.29
CA ILE A 243 -14.45 22.45 -29.71
C ILE A 243 -15.74 22.53 -30.51
N LYS A 244 -15.66 22.32 -31.82
CA LYS A 244 -16.81 22.56 -32.68
C LYS A 244 -17.97 21.66 -32.32
N GLN A 245 -17.75 20.35 -32.32
CA GLN A 245 -18.88 19.44 -32.18
C GLN A 245 -19.36 19.28 -30.75
N GLY A 246 -18.74 19.93 -29.77
CA GLY A 246 -19.24 19.84 -28.41
C GLY A 246 -18.15 20.15 -27.40
N LYS A 247 -18.29 19.55 -26.21
CA LYS A 247 -17.38 19.75 -25.10
C LYS A 247 -16.46 18.56 -24.94
N VAL A 248 -15.23 18.85 -24.52
CA VAL A 248 -14.22 17.83 -24.24
C VAL A 248 -13.86 17.95 -22.77
N TYR A 249 -14.39 17.04 -21.94
CA TYR A 249 -14.12 17.05 -20.51
C TYR A 249 -12.79 16.37 -20.22
N ASP A 250 -11.99 17.02 -19.37
CA ASP A 250 -10.68 16.48 -19.00
C ASP A 250 -10.79 15.07 -18.46
N LEU A 251 -11.77 14.84 -17.60
CA LEU A 251 -12.08 13.52 -17.08
C LEU A 251 -13.43 13.12 -17.66
N ARG A 252 -13.40 12.34 -18.74
CA ARG A 252 -14.59 11.91 -19.42
C ARG A 252 -15.10 10.62 -18.79
N TYR A 253 -16.42 10.52 -18.64
CA TYR A 253 -16.98 9.32 -18.04
C TYR A 253 -18.34 9.00 -18.64
N ASP A 254 -18.69 7.72 -18.62
CA ASP A 254 -19.94 7.23 -19.17
C ASP A 254 -21.04 7.19 -18.12
N GLN A 255 -22.25 6.87 -18.57
CA GLN A 255 -23.33 6.58 -17.64
C GLN A 255 -23.11 5.22 -17.01
N TYR A 256 -22.09 5.12 -16.15
CA TYR A 256 -21.87 3.91 -15.36
C TYR A 256 -22.91 3.79 -14.26
N ASP A 257 -23.34 4.92 -13.70
CA ASP A 257 -24.29 4.95 -12.61
C ASP A 257 -25.67 5.24 -13.17
N PRO A 258 -26.61 4.31 -13.12
CA PRO A 258 -27.89 4.52 -13.78
C PRO A 258 -28.71 5.65 -13.21
N PHE A 259 -28.13 6.41 -12.28
CA PHE A 259 -28.83 7.52 -11.66
C PHE A 259 -28.10 8.85 -11.82
N ARG A 260 -27.02 8.89 -12.57
CA ARG A 260 -26.29 10.13 -12.84
C ARG A 260 -26.63 10.65 -14.22
N GLU A 261 -26.62 11.98 -14.36
CA GLU A 261 -26.80 12.60 -15.66
C GLU A 261 -25.74 12.10 -16.63
N VAL A 262 -26.06 12.16 -17.91
CA VAL A 262 -25.10 11.88 -18.95
C VAL A 262 -24.37 13.18 -19.27
N GLN A 263 -23.06 13.21 -19.04
CA GLN A 263 -22.34 14.45 -19.28
C GLN A 263 -22.27 14.75 -20.78
N ASP A 264 -22.33 16.04 -21.10
CA ASP A 264 -22.42 16.48 -22.50
C ASP A 264 -21.02 16.63 -23.11
N GLY A 265 -20.33 15.50 -23.17
CA GLY A 265 -19.02 15.42 -23.81
C GLY A 265 -19.10 14.53 -25.04
N THR A 266 -18.46 14.97 -26.12
CA THR A 266 -18.48 14.21 -27.35
C THR A 266 -17.65 12.94 -27.21
N ALA A 267 -18.05 11.91 -27.94
CA ALA A 267 -17.30 10.66 -27.93
C ALA A 267 -15.89 10.90 -28.46
N PHE A 268 -14.95 10.13 -27.96
CA PHE A 268 -13.57 10.23 -28.38
C PHE A 268 -13.38 9.49 -29.69
N LEU A 269 -12.15 9.34 -30.14
CA LEU A 269 -11.85 8.55 -31.33
C LEU A 269 -11.00 7.32 -31.03
N ASN A 270 -10.05 7.42 -30.10
CA ASN A 270 -9.22 6.29 -29.72
C ASN A 270 -9.03 6.30 -28.21
N ALA A 271 -8.84 5.11 -27.63
CA ALA A 271 -8.64 4.95 -26.20
C ALA A 271 -7.39 4.15 -25.96
N ARG A 272 -6.63 4.55 -24.95
CA ARG A 272 -5.39 3.88 -24.59
C ARG A 272 -5.28 3.92 -23.07
N SER A 273 -5.18 2.75 -22.45
CA SER A 273 -5.07 2.68 -21.00
C SER A 273 -3.65 3.02 -20.58
N ILE A 274 -3.53 3.83 -19.52
CA ILE A 274 -2.21 4.21 -19.04
C ILE A 274 -1.51 2.97 -18.51
N GLU A 275 -0.37 2.64 -19.10
CA GLU A 275 0.43 1.52 -18.65
C GLU A 275 1.39 1.98 -17.56
N ASP A 276 1.91 1.02 -16.80
CA ASP A 276 2.89 1.37 -15.79
C ASP A 276 4.16 1.93 -16.40
N SER A 277 4.45 1.57 -17.65
CA SER A 277 5.63 2.06 -18.34
C SER A 277 5.45 3.45 -18.93
N ASP A 278 4.23 3.99 -18.91
CA ASP A 278 3.99 5.33 -19.46
C ASP A 278 4.32 6.44 -18.49
N LEU A 279 4.64 6.12 -17.24
CA LEU A 279 4.87 7.14 -16.21
C LEU A 279 6.25 7.75 -16.35
N LEU A 280 6.32 9.07 -16.27
CA LEU A 280 7.58 9.77 -16.48
C LEU A 280 7.95 10.60 -15.27
N SER B 1 -54.26 -28.36 14.29
CA SER B 1 -54.92 -27.19 14.86
C SER B 1 -55.46 -26.29 13.76
N LYS B 2 -54.58 -25.43 13.26
CA LYS B 2 -54.86 -24.47 12.19
C LYS B 2 -55.93 -23.48 12.60
N PRO B 3 -55.64 -22.56 13.51
CA PRO B 3 -56.57 -21.46 13.78
C PRO B 3 -56.17 -20.22 13.03
N LEU B 4 -56.96 -19.16 13.12
CA LEU B 4 -56.62 -17.94 12.43
C LEU B 4 -55.41 -17.27 13.08
N LEU B 5 -55.05 -16.09 12.58
CA LEU B 5 -53.95 -15.34 13.14
C LEU B 5 -54.31 -13.86 13.29
N PRO B 6 -53.84 -13.21 14.34
CA PRO B 6 -54.01 -11.76 14.44
C PRO B 6 -53.19 -11.05 13.38
N ILE B 7 -53.63 -9.86 13.03
CA ILE B 7 -52.93 -9.06 12.03
C ILE B 7 -51.62 -8.55 12.62
N ALA B 8 -50.60 -8.44 11.77
CA ALA B 8 -49.27 -8.07 12.22
C ALA B 8 -49.09 -6.56 12.15
N ASN B 9 -47.90 -6.11 12.51
CA ASN B 9 -47.58 -4.70 12.41
C ASN B 9 -47.47 -4.30 10.95
N PRO B 10 -47.85 -3.07 10.61
CA PRO B 10 -47.71 -2.61 9.23
C PRO B 10 -46.24 -2.44 8.89
N THR B 11 -45.83 -3.07 7.80
CA THR B 11 -44.44 -3.03 7.36
C THR B 11 -44.30 -2.13 6.14
N VAL B 12 -43.06 -1.88 5.77
CA VAL B 12 -42.74 -1.04 4.62
C VAL B 12 -41.53 -1.65 3.93
N LEU B 13 -41.63 -1.89 2.61
CA LEU B 13 -40.66 -2.72 1.94
C LEU B 13 -39.81 -1.92 0.96
N ARG B 14 -38.55 -2.31 0.85
CA ARG B 14 -37.50 -1.64 0.10
C ARG B 14 -36.95 -2.54 -1.00
N PRO B 15 -36.24 -1.97 -1.98
CA PRO B 15 -35.57 -2.80 -2.99
C PRO B 15 -34.22 -3.27 -2.55
N ALA B 16 -33.68 -2.70 -1.48
CA ALA B 16 -32.29 -2.89 -1.13
C ALA B 16 -32.09 -2.27 0.23
N ASN B 17 -31.17 -2.83 1.02
CA ASN B 17 -30.84 -2.08 2.20
C ASN B 17 -30.03 -0.86 1.81
N THR B 18 -29.90 0.07 2.73
CA THR B 18 -29.25 1.33 2.41
C THR B 18 -27.80 1.11 2.05
N PHE B 19 -27.42 1.54 0.84
CA PHE B 19 -26.02 1.42 0.44
C PHE B 19 -25.11 2.16 1.40
N ALA B 20 -25.58 3.30 1.90
CA ALA B 20 -24.70 4.28 2.54
C ALA B 20 -24.14 3.80 3.87
N ILE B 21 -24.81 2.88 4.51
CA ILE B 21 -24.54 2.57 5.91
C ILE B 21 -23.46 1.52 6.02
N THR B 22 -22.64 1.65 7.06
CA THR B 22 -21.58 0.69 7.34
C THR B 22 -22.12 -0.59 7.98
N ASP B 23 -23.17 -0.47 8.81
CA ASP B 23 -23.58 -1.52 9.71
C ASP B 23 -25.02 -1.96 9.47
N THR B 24 -25.55 -2.72 10.42
CA THR B 24 -26.95 -3.10 10.58
C THR B 24 -27.25 -4.47 9.97
N ASN B 25 -27.36 -4.55 8.64
CA ASN B 25 -27.66 -5.81 7.94
C ASN B 25 -27.62 -5.59 6.44
N ASP B 26 -27.50 -6.69 5.70
CA ASP B 26 -27.48 -6.68 4.25
C ASP B 26 -28.36 -7.80 3.73
N MET B 27 -29.11 -7.53 2.67
CA MET B 27 -30.15 -8.44 2.20
C MET B 27 -29.66 -9.40 1.12
N SER B 28 -28.35 -9.41 0.82
CA SER B 28 -27.89 -10.14 -0.34
C SER B 28 -28.13 -11.64 -0.21
N HIS B 29 -28.03 -12.34 -1.33
CA HIS B 29 -27.98 -13.80 -1.32
C HIS B 29 -26.56 -14.26 -1.06
N SER B 30 -26.42 -15.38 -0.37
CA SER B 30 -25.11 -15.98 -0.21
C SER B 30 -24.92 -17.01 -1.31
N LEU B 31 -23.87 -16.85 -2.10
CA LEU B 31 -23.51 -17.86 -3.07
C LEU B 31 -22.60 -18.93 -2.48
N ALA B 32 -22.40 -18.94 -1.18
CA ALA B 32 -21.57 -19.94 -0.53
C ALA B 32 -22.37 -21.22 -0.29
N LEU B 33 -21.76 -22.16 0.43
CA LEU B 33 -22.44 -23.40 0.75
C LEU B 33 -23.56 -23.19 1.76
N SER B 34 -23.39 -22.21 2.64
CA SER B 34 -24.36 -21.88 3.65
C SER B 34 -24.50 -20.38 3.72
N ASN B 35 -25.61 -19.92 4.28
CA ASN B 35 -25.76 -18.50 4.55
C ASN B 35 -24.72 -18.08 5.58
N ASP B 36 -24.67 -16.78 5.89
CA ASP B 36 -23.66 -16.14 6.75
C ASP B 36 -22.35 -16.91 6.82
N THR B 37 -21.90 -17.38 5.67
CA THR B 37 -20.57 -17.99 5.55
C THR B 37 -19.55 -16.86 5.51
N ASN B 38 -18.72 -16.76 6.54
CA ASN B 38 -17.72 -15.71 6.58
C ASN B 38 -16.36 -16.30 6.94
N VAL B 39 -15.32 -15.63 6.45
CA VAL B 39 -13.93 -16.01 6.73
C VAL B 39 -13.52 -15.32 8.02
N PRO B 40 -12.95 -16.06 8.98
CA PRO B 40 -12.57 -15.44 10.24
C PRO B 40 -11.49 -14.38 10.04
N PHE B 41 -11.52 -13.36 10.88
CA PHE B 41 -10.48 -12.36 10.84
C PHE B 41 -9.18 -12.93 11.38
N VAL B 42 -8.12 -12.83 10.59
CA VAL B 42 -6.79 -13.24 10.99
C VAL B 42 -5.91 -12.00 11.02
N LYS B 43 -5.32 -11.71 12.17
CA LYS B 43 -4.52 -10.51 12.30
C LYS B 43 -3.05 -10.80 12.07
N ALA B 44 -2.26 -9.74 11.99
CA ALA B 44 -0.81 -9.83 11.81
C ALA B 44 -0.43 -10.57 10.54
N LEU B 45 -1.29 -10.51 9.53
CA LEU B 45 -0.92 -11.06 8.22
C LEU B 45 0.33 -10.35 7.70
N ASP B 46 0.44 -9.05 7.95
CA ASP B 46 1.57 -8.25 7.53
C ASP B 46 2.78 -8.42 8.43
N GLY B 47 2.77 -9.39 9.34
CA GLY B 47 3.88 -9.63 10.26
C GLY B 47 3.84 -8.86 11.55
N SER B 48 2.89 -7.94 11.70
CA SER B 48 2.77 -7.13 12.91
C SER B 48 1.32 -7.03 13.31
N GLY B 49 1.11 -6.92 14.61
CA GLY B 49 -0.23 -6.78 15.16
C GLY B 49 -0.88 -5.44 14.94
N LEU B 50 -0.13 -4.47 14.44
CA LEU B 50 -0.72 -3.20 14.02
C LEU B 50 -1.75 -3.44 12.92
N ASP B 51 -2.98 -2.97 13.14
CA ASP B 51 -4.03 -3.13 12.14
C ASP B 51 -3.73 -2.15 11.02
N GLU B 52 -3.04 -2.64 9.99
CA GLU B 52 -2.67 -1.86 8.83
C GLU B 52 -3.86 -1.20 8.15
N MET B 53 -5.09 -1.58 8.53
CA MET B 53 -6.28 -0.95 7.99
C MET B 53 -6.80 0.19 8.85
N SER B 54 -6.35 0.28 10.09
CA SER B 54 -6.86 1.29 11.02
C SER B 54 -6.46 2.67 10.58
N PHE B 55 -7.42 3.60 10.63
CA PHE B 55 -7.11 4.99 10.33
C PHE B 55 -6.06 5.55 11.27
N ASP B 56 -6.12 5.16 12.55
CA ASP B 56 -5.16 5.63 13.54
C ASP B 56 -3.77 5.06 13.35
N TYR B 57 -3.60 4.09 12.45
CA TYR B 57 -2.26 3.65 12.09
C TYR B 57 -1.78 4.35 10.85
N LEU B 58 -2.63 4.40 9.83
CA LEU B 58 -2.25 5.03 8.58
C LEU B 58 -1.89 6.48 8.78
N LYS B 59 -2.64 7.20 9.62
CA LYS B 59 -2.43 8.63 9.76
C LYS B 59 -1.08 8.97 10.37
N LYS B 60 -0.41 8.01 11.00
CA LYS B 60 0.80 8.32 11.77
C LYS B 60 2.08 8.00 11.00
N ILE B 61 2.07 8.10 9.68
CA ILE B 61 3.19 7.68 8.84
C ILE B 61 3.83 8.93 8.24
N PRO B 62 5.12 9.16 8.47
CA PRO B 62 5.72 10.41 7.99
C PRO B 62 5.92 10.37 6.48
N GLN B 63 5.85 11.55 5.87
CA GLN B 63 5.91 11.69 4.42
C GLN B 63 6.51 13.04 4.08
N PHE B 64 7.43 13.05 3.11
CA PHE B 64 8.13 14.26 2.69
C PHE B 64 7.24 15.10 1.80
N ILE B 65 7.12 16.40 2.09
CA ILE B 65 6.19 17.26 1.37
C ILE B 65 6.86 18.43 0.65
N GLN B 66 8.00 18.90 1.14
CA GLN B 66 8.68 19.98 0.43
C GLN B 66 10.11 20.06 0.92
N SER B 67 11.00 20.52 0.05
CA SER B 67 12.39 20.74 0.36
C SER B 67 12.72 22.22 0.25
N LYS B 68 13.54 22.71 1.16
CA LYS B 68 14.09 24.05 1.08
C LYS B 68 15.59 23.99 1.32
N PHE B 69 16.26 25.12 1.12
CA PHE B 69 17.70 25.21 1.29
C PHE B 69 18.03 26.24 2.37
N PHE B 70 19.23 26.10 2.94
CA PHE B 70 19.71 26.96 4.01
C PHE B 70 21.20 27.17 3.76
N THR B 71 21.57 28.37 3.30
CA THR B 71 22.89 28.63 2.75
C THR B 71 23.61 29.72 3.53
N THR B 72 24.83 30.00 3.09
CA THR B 72 25.66 31.07 3.65
C THR B 72 25.28 32.44 3.13
N THR B 73 24.31 32.51 2.22
CA THR B 73 23.77 33.78 1.77
C THR B 73 22.42 34.08 2.40
N THR B 74 21.89 33.16 3.19
CA THR B 74 20.63 33.39 3.87
C THR B 74 20.77 34.53 4.86
N LYS B 75 19.87 35.50 4.77
CA LYS B 75 19.90 36.60 5.72
C LYS B 75 19.17 36.20 7.00
N PRO B 76 19.51 36.80 8.15
CA PRO B 76 18.74 36.54 9.36
C PRO B 76 17.30 37.02 9.21
N GLN B 77 16.40 36.37 9.94
CA GLN B 77 14.97 36.59 9.91
C GLN B 77 14.33 36.22 8.57
N GLU B 78 15.09 35.65 7.63
CA GLU B 78 14.53 35.23 6.36
C GLU B 78 13.77 33.93 6.51
N VAL B 79 12.54 33.90 5.99
CA VAL B 79 11.72 32.70 6.12
C VAL B 79 12.31 31.60 5.26
N LEU B 80 12.57 30.45 5.87
CA LEU B 80 12.97 29.29 5.09
C LEU B 80 11.76 28.53 4.59
N PHE B 81 10.73 28.40 5.42
CA PHE B 81 9.61 27.54 5.13
C PHE B 81 8.39 28.16 5.78
N GLN B 82 7.28 28.13 5.08
CA GLN B 82 6.06 28.72 5.58
C GLN B 82 4.91 27.92 5.00
N THR B 83 4.07 27.37 5.86
CA THR B 83 2.96 26.56 5.40
C THR B 83 1.73 26.88 6.24
N LYS B 84 0.56 26.74 5.62
CA LYS B 84 -0.65 26.67 6.41
C LYS B 84 -0.66 25.35 7.18
N VAL B 85 -1.19 25.38 8.39
CA VAL B 85 -1.28 24.16 9.18
C VAL B 85 -2.49 23.37 8.69
N MET B 86 -2.24 22.26 8.01
CA MET B 86 -3.26 21.45 7.37
C MET B 86 -2.64 20.10 7.05
N PRO B 87 -3.41 19.01 7.09
CA PRO B 87 -2.83 17.69 6.84
C PRO B 87 -2.54 17.37 5.37
N HIS B 88 -3.34 17.89 4.45
CA HIS B 88 -3.31 17.49 3.04
C HIS B 88 -2.38 18.38 2.23
N TYR B 89 -1.46 17.75 1.50
CA TYR B 89 -0.52 18.45 0.65
C TYR B 89 -0.46 17.78 -0.72
N PHE B 90 0.48 18.21 -1.56
CA PHE B 90 0.79 17.57 -2.83
C PHE B 90 2.18 16.95 -2.76
N VAL B 91 2.35 15.85 -3.48
CA VAL B 91 3.69 15.24 -3.55
C VAL B 91 4.59 16.13 -4.41
N PRO B 92 5.80 16.47 -3.94
CA PRO B 92 6.63 17.47 -4.65
C PRO B 92 6.87 17.17 -6.12
N GLY B 93 7.75 16.21 -6.40
CA GLY B 93 8.00 15.76 -7.74
C GLY B 93 7.38 14.45 -8.14
N GLY B 94 6.50 13.89 -7.36
CA GLY B 94 5.93 12.59 -7.70
C GLY B 94 4.66 12.74 -8.48
N ASP B 95 4.69 13.58 -9.51
CA ASP B 95 3.52 13.75 -10.36
C ASP B 95 3.36 12.56 -11.29
N VAL B 96 2.13 12.36 -11.73
CA VAL B 96 1.85 11.43 -12.82
C VAL B 96 1.95 12.22 -14.11
N THR B 97 3.00 11.98 -14.88
CA THR B 97 3.28 12.73 -16.11
C THR B 97 3.27 11.73 -17.27
N VAL B 98 2.18 11.71 -18.02
CA VAL B 98 2.02 10.78 -19.12
C VAL B 98 2.06 11.54 -20.44
N ALA B 99 2.56 10.86 -21.47
CA ALA B 99 2.63 11.43 -22.80
C ALA B 99 1.30 11.20 -23.52
N MET B 100 0.79 12.25 -24.15
CA MET B 100 -0.46 12.19 -24.90
C MET B 100 -0.25 11.99 -26.40
N ASP B 101 0.81 12.58 -26.95
CA ASP B 101 1.11 12.47 -28.36
C ASP B 101 2.62 12.45 -28.50
N LYS B 102 3.13 12.68 -29.72
CA LYS B 102 4.56 12.72 -29.92
C LYS B 102 5.20 13.86 -29.15
N ASP B 103 4.42 14.87 -28.78
CA ASP B 103 5.00 16.06 -28.15
C ASP B 103 4.05 16.78 -27.21
N ILE B 104 2.94 16.18 -26.81
CA ILE B 104 2.04 16.75 -25.82
C ILE B 104 2.20 15.94 -24.54
N THR B 105 2.60 16.60 -23.47
CA THR B 105 2.78 15.96 -22.17
C THR B 105 1.96 16.69 -21.14
N ARG B 106 1.28 15.93 -20.27
CA ARG B 106 0.45 16.51 -19.22
C ARG B 106 0.83 15.93 -17.87
N THR B 107 0.63 16.74 -16.83
CA THR B 107 1.09 16.40 -15.47
C THR B 107 -0.09 16.45 -14.51
N ILE B 108 -0.26 15.38 -13.73
CA ILE B 108 -1.26 15.32 -12.66
C ILE B 108 -0.52 15.39 -11.35
N TRP B 109 -0.80 16.45 -10.58
CA TRP B 109 -0.27 16.55 -9.24
C TRP B 109 -0.90 15.48 -8.36
N GLN B 110 -0.08 14.83 -7.54
CA GLN B 110 -0.50 13.65 -6.82
C GLN B 110 -0.69 13.93 -5.33
N PRO B 111 -1.58 13.20 -4.66
CA PRO B 111 -1.96 13.56 -3.30
C PRO B 111 -1.00 13.04 -2.23
N SER B 112 -0.93 13.80 -1.14
CA SER B 112 -0.23 13.38 0.05
C SER B 112 -0.86 12.11 0.61
N HIS B 113 -0.08 11.40 1.42
CA HIS B 113 -0.64 10.29 2.18
C HIS B 113 -1.85 10.72 2.98
N LEU B 114 -1.70 11.80 3.76
CA LEU B 114 -2.84 12.33 4.47
C LEU B 114 -3.90 12.85 3.51
N ALA B 115 -3.47 13.46 2.41
CA ALA B 115 -4.45 14.01 1.46
C ALA B 115 -5.33 12.90 0.93
N TYR B 116 -4.73 11.76 0.57
CA TYR B 116 -5.50 10.65 0.05
C TYR B 116 -6.41 10.03 1.09
N ILE B 117 -5.91 9.85 2.31
CA ILE B 117 -6.67 9.18 3.36
C ILE B 117 -7.85 10.03 3.81
N THR B 118 -7.71 11.34 3.82
CA THR B 118 -8.81 12.24 4.12
C THR B 118 -9.56 12.66 2.87
N SER B 119 -9.21 12.12 1.71
CA SER B 119 -9.82 12.56 0.47
C SER B 119 -11.32 12.24 0.43
N MET B 120 -11.75 11.17 1.08
CA MET B 120 -13.16 10.80 1.01
C MET B 120 -14.00 11.47 2.09
N PHE B 121 -13.39 12.16 3.04
CA PHE B 121 -14.13 12.85 4.08
C PHE B 121 -14.23 14.34 3.77
N LYS B 122 -14.81 15.08 4.71
CA LYS B 122 -15.08 16.49 4.50
C LYS B 122 -14.43 17.40 5.53
N TYR B 123 -14.28 16.95 6.77
CA TYR B 123 -13.73 17.76 7.84
C TYR B 123 -12.70 16.98 8.64
N TRP B 124 -11.73 17.70 9.20
CA TRP B 124 -10.67 17.07 9.97
C TRP B 124 -10.44 17.87 11.24
N THR B 125 -9.68 17.27 12.16
CA THR B 125 -9.28 17.91 13.41
C THR B 125 -8.11 17.13 13.99
N GLY B 126 -7.49 17.71 14.99
CA GLY B 126 -6.40 17.07 15.70
C GLY B 126 -5.06 17.72 15.43
N SER B 127 -4.06 17.27 16.18
CA SER B 127 -2.73 17.85 16.08
C SER B 127 -1.96 17.22 14.93
N LEU B 128 -0.99 17.96 14.41
CA LEU B 128 -0.13 17.49 13.34
C LEU B 128 1.32 17.52 13.81
N VAL B 129 2.16 16.73 13.14
CA VAL B 129 3.55 16.57 13.55
C VAL B 129 4.45 16.84 12.36
N TYR B 130 5.12 17.99 12.37
CA TYR B 130 5.98 18.43 11.29
C TYR B 130 7.42 18.12 11.65
N THR B 131 8.11 17.39 10.79
CA THR B 131 9.49 16.98 11.00
C THR B 131 10.39 17.73 10.04
N PHE B 132 11.53 18.20 10.54
CA PHE B 132 12.49 18.95 9.73
C PHE B 132 13.83 18.26 9.80
N LYS B 133 14.33 17.80 8.66
CA LYS B 133 15.65 17.20 8.55
C LYS B 133 16.61 18.23 7.96
N PHE B 134 17.83 18.28 8.50
CA PHE B 134 18.88 19.17 8.00
C PHE B 134 20.05 18.30 7.57
N VAL B 135 20.21 18.08 6.27
CA VAL B 135 21.32 17.25 5.79
C VAL B 135 22.61 18.03 5.88
N LYS B 136 23.32 17.89 6.98
CA LYS B 136 24.52 18.67 7.22
C LYS B 136 25.48 17.82 8.03
N THR B 137 26.59 18.43 8.45
CA THR B 137 27.58 17.83 9.32
C THR B 137 27.47 18.43 10.72
N ASP B 138 28.38 18.01 11.59
CA ASP B 138 28.58 18.68 12.86
C ASP B 138 29.39 19.97 12.69
N TYR B 139 29.84 20.26 11.48
CA TYR B 139 30.67 21.43 11.20
C TYR B 139 29.95 22.46 10.33
N HIS B 140 28.63 22.39 10.25
CA HIS B 140 27.79 23.53 9.89
C HIS B 140 27.21 24.10 11.19
N SER B 141 26.54 25.25 11.08
CA SER B 141 25.93 25.80 12.29
C SER B 141 24.81 26.74 11.90
N GLY B 142 23.81 26.82 12.78
CA GLY B 142 22.65 27.65 12.51
C GLY B 142 21.53 27.58 13.53
N ARG B 143 20.81 28.68 13.71
CA ARG B 143 19.59 28.76 14.50
C ARG B 143 18.40 28.87 13.58
N VAL B 144 17.39 28.05 13.82
CA VAL B 144 16.11 28.23 13.16
C VAL B 144 15.05 28.45 14.24
N GLU B 145 13.96 29.08 13.83
CA GLU B 145 12.86 29.39 14.73
C GLU B 145 11.59 28.80 14.15
N VAL B 146 11.00 27.85 14.85
CA VAL B 146 9.77 27.19 14.43
C VAL B 146 8.66 27.76 15.32
N SER B 147 7.90 28.70 14.80
CA SER B 147 6.86 29.36 15.58
C SER B 147 5.51 29.10 14.95
N PHE B 148 4.55 28.70 15.78
CA PHE B 148 3.22 28.33 15.33
C PHE B 148 2.31 29.52 15.57
N HIS B 149 1.86 30.14 14.49
CA HIS B 149 0.92 31.25 14.56
C HIS B 149 -0.48 30.71 14.35
N PRO B 150 -1.24 30.54 15.42
CA PRO B 150 -2.44 29.72 15.31
C PRO B 150 -3.56 30.32 14.49
N PHE B 151 -3.86 31.62 14.62
CA PHE B 151 -5.01 32.16 13.90
C PHE B 151 -4.64 33.05 12.74
N SER B 152 -3.37 33.36 12.53
CA SER B 152 -3.00 34.49 11.69
C SER B 152 -2.07 34.04 10.55
N ASP B 153 -1.56 35.04 9.83
CA ASP B 153 -0.55 34.89 8.78
C ASP B 153 0.82 35.23 9.34
N TYR B 154 1.84 35.09 8.51
CA TYR B 154 3.15 35.70 8.76
C TYR B 154 3.34 36.78 7.72
N THR B 155 3.21 38.03 8.13
CA THR B 155 3.29 39.17 7.23
C THR B 155 4.16 40.23 7.85
N THR B 156 4.04 41.45 7.34
CA THR B 156 4.66 42.60 7.96
C THR B 156 3.97 42.88 9.29
N GLY B 157 4.74 43.33 10.27
CA GLY B 157 4.18 43.53 11.59
C GLY B 157 3.88 42.27 12.35
N THR B 158 4.35 41.12 11.89
CA THR B 158 4.12 39.85 12.55
C THR B 158 5.35 39.55 13.39
N TYR B 159 5.27 39.82 14.68
CA TYR B 159 6.34 39.43 15.60
C TYR B 159 6.13 37.99 16.01
N SER B 160 7.16 37.16 15.85
CA SER B 160 7.05 35.76 16.23
C SER B 160 7.23 35.53 17.73
N ASP B 161 7.50 36.58 18.49
CA ASP B 161 7.71 36.48 19.93
C ASP B 161 6.42 36.31 20.70
N TYR B 162 5.26 36.47 20.05
CA TYR B 162 3.98 36.20 20.66
C TYR B 162 3.62 34.72 20.71
N THR B 163 4.37 33.87 20.04
CA THR B 163 3.90 32.54 19.70
C THR B 163 4.83 31.46 20.23
N TYR B 164 4.22 30.33 20.59
CA TYR B 164 5.00 29.16 20.97
C TYR B 164 6.02 28.88 19.87
N ARG B 165 7.30 29.04 20.19
CA ARG B 165 8.36 28.86 19.21
C ARG B 165 9.48 28.05 19.83
N ILE B 166 10.33 27.50 18.99
CA ILE B 166 11.47 26.71 19.44
C ILE B 166 12.70 27.19 18.70
N ILE B 167 13.67 27.70 19.43
CA ILE B 167 14.92 28.20 18.87
C ILE B 167 15.95 27.10 19.04
N VAL B 168 16.20 26.32 18.00
CA VAL B 168 17.07 25.14 18.09
C VAL B 168 18.44 25.47 17.51
N ASP B 169 19.49 25.13 18.27
CA ASP B 169 20.87 25.44 17.95
C ASP B 169 21.46 24.25 17.20
N LEU B 170 21.61 24.40 15.88
CA LEU B 170 21.99 23.30 15.00
C LEU B 170 23.50 23.28 14.79
N ARG B 171 24.23 22.87 15.83
CA ARG B 171 25.68 22.66 15.67
C ARG B 171 25.98 21.20 15.46
N GLU B 172 25.75 20.38 16.48
CA GLU B 172 25.77 18.94 16.30
C GLU B 172 24.41 18.38 15.92
N LYS B 173 23.34 19.01 16.42
CA LYS B 173 22.00 18.53 16.14
C LYS B 173 21.73 18.57 14.65
N SER B 174 20.87 17.67 14.20
CA SER B 174 20.61 17.51 12.78
C SER B 174 19.15 17.38 12.41
N GLU B 175 18.27 16.98 13.33
CA GLU B 175 16.86 16.78 13.05
C GLU B 175 16.00 17.52 14.07
N PHE B 176 14.70 17.55 13.81
CA PHE B 176 13.77 18.35 14.57
C PHE B 176 12.34 17.97 14.26
N SER B 177 11.51 17.78 15.27
CA SER B 177 10.16 17.25 15.05
C SER B 177 9.26 17.74 16.16
N VAL B 178 8.19 18.46 15.82
CA VAL B 178 7.27 18.98 16.83
C VAL B 178 5.86 18.56 16.50
N THR B 179 5.06 18.39 17.56
CA THR B 179 3.63 18.20 17.45
C THR B 179 2.98 19.56 17.50
N ILE B 180 2.37 19.97 16.40
CA ILE B 180 1.69 21.27 16.32
C ILE B 180 0.23 21.05 16.69
N PRO B 181 -0.27 21.65 17.75
CA PRO B 181 -1.61 21.34 18.24
C PRO B 181 -2.68 21.89 17.32
N PHE B 182 -3.90 21.50 17.63
CA PHE B 182 -5.08 21.95 16.89
C PHE B 182 -5.68 23.13 17.66
N ILE B 183 -5.41 24.34 17.19
CA ILE B 183 -6.01 25.54 17.75
C ILE B 183 -6.81 26.21 16.65
N SER B 184 -8.12 26.25 16.79
CA SER B 184 -9.00 26.84 15.80
C SER B 184 -10.31 27.23 16.48
N PRO B 185 -11.04 28.21 15.94
CA PRO B 185 -12.36 28.51 16.50
C PRO B 185 -13.38 27.43 16.19
N VAL B 186 -13.09 26.53 15.25
CA VAL B 186 -14.06 25.53 14.84
C VAL B 186 -13.57 24.18 15.35
N PRO B 187 -14.44 23.32 15.84
CA PRO B 187 -14.00 21.98 16.23
C PRO B 187 -13.45 21.17 15.08
N TYR B 188 -13.77 21.55 13.84
CA TYR B 188 -13.24 20.87 12.67
C TYR B 188 -12.95 21.90 11.58
N LYS B 189 -11.92 21.64 10.78
CA LYS B 189 -11.61 22.46 9.62
C LYS B 189 -11.83 21.64 8.34
N ARG B 190 -11.85 22.35 7.22
CA ARG B 190 -12.30 21.76 5.96
C ARG B 190 -11.16 21.04 5.25
N ILE B 191 -11.47 19.88 4.70
CA ILE B 191 -10.55 19.24 3.76
C ILE B 191 -10.74 19.91 2.41
N SER B 192 -9.65 20.09 1.66
CA SER B 192 -9.72 20.90 0.45
C SER B 192 -8.66 20.46 -0.53
N ARG B 193 -8.65 21.10 -1.68
CA ARG B 193 -7.53 21.04 -2.58
C ARG B 193 -6.37 21.79 -1.97
N PRO B 194 -5.21 21.16 -1.78
CA PRO B 194 -4.10 21.84 -1.13
C PRO B 194 -3.51 22.93 -2.01
N ASP B 195 -3.07 24.02 -1.37
CA ASP B 195 -2.44 25.14 -2.06
C ASP B 195 -1.28 25.65 -1.21
N TRP B 196 -0.05 25.45 -1.71
CA TRP B 196 1.12 25.94 -0.98
C TRP B 196 1.16 27.46 -0.93
N ASP B 197 0.93 28.12 -2.08
CA ASP B 197 1.22 29.54 -2.26
C ASP B 197 0.09 30.45 -1.81
N LYS B 198 -0.81 29.96 -0.98
CA LYS B 198 -1.88 30.75 -0.40
C LYS B 198 -1.53 31.16 1.01
N PRO B 199 -1.96 32.33 1.46
CA PRO B 199 -1.80 32.67 2.87
C PRO B 199 -2.79 31.91 3.72
N TYR B 200 -2.93 32.25 5.00
CA TYR B 200 -4.01 31.65 5.77
C TYR B 200 -5.30 32.41 5.57
N SER B 201 -5.24 33.73 5.46
CA SER B 201 -6.46 34.52 5.33
C SER B 201 -7.34 34.03 4.17
N LYS B 202 -6.73 33.47 3.14
CA LYS B 202 -7.44 32.65 2.17
C LYS B 202 -7.14 31.21 2.51
N TYR B 203 -8.13 30.32 2.31
CA TYR B 203 -8.16 28.98 2.93
C TYR B 203 -8.38 29.04 4.43
N ALA B 204 -9.03 30.11 4.92
CA ALA B 204 -9.28 30.21 6.35
C ALA B 204 -10.20 29.11 6.85
N HIS B 205 -10.87 28.40 5.95
CA HIS B 205 -11.82 27.36 6.33
C HIS B 205 -11.17 26.00 6.39
N ALA B 206 -9.98 25.83 5.82
CA ALA B 206 -9.34 24.55 5.69
C ALA B 206 -8.08 24.41 6.53
N SER B 207 -7.55 25.49 7.07
CA SER B 207 -6.33 25.46 7.84
C SER B 207 -6.57 26.08 9.21
N THR B 208 -5.75 25.70 10.18
CA THR B 208 -5.88 26.30 11.50
C THR B 208 -5.15 27.63 11.56
N GLY B 209 -3.92 27.66 11.06
CA GLY B 209 -3.13 28.87 10.98
C GLY B 209 -1.92 28.69 10.08
N THR B 210 -0.83 29.39 10.33
CA THR B 210 0.41 29.18 9.61
C THR B 210 1.54 28.85 10.58
N LEU B 211 2.38 27.91 10.16
CA LEU B 211 3.62 27.60 10.86
C LEU B 211 4.77 28.14 10.03
N VAL B 212 5.82 28.63 10.68
CA VAL B 212 6.93 29.22 9.95
C VAL B 212 8.25 28.72 10.51
N LEU B 213 9.11 28.25 9.62
CA LEU B 213 10.50 27.95 9.93
C LEU B 213 11.33 29.13 9.45
N LYS B 214 11.91 29.87 10.38
CA LYS B 214 12.58 31.12 10.06
C LYS B 214 14.02 31.06 10.51
N ALA B 215 14.94 31.51 9.66
CA ALA B 215 16.33 31.59 10.06
C ALA B 215 16.51 32.68 11.10
N LEU B 216 17.24 32.37 12.16
CA LEU B 216 17.75 33.41 13.04
C LEU B 216 19.17 33.81 12.69
N THR B 217 19.77 33.16 11.68
CA THR B 217 21.19 33.31 11.45
C THR B 217 21.53 32.81 10.05
N SER B 218 22.60 33.35 9.49
CA SER B 218 23.20 32.80 8.30
C SER B 218 23.76 31.42 8.61
N LEU B 219 24.00 30.63 7.58
CA LEU B 219 24.63 29.34 7.80
C LEU B 219 26.15 29.54 7.87
N LYS B 220 26.74 29.16 8.99
CA LYS B 220 28.17 29.30 9.18
C LYS B 220 28.88 28.05 8.68
N ALA B 221 29.85 28.24 7.79
CA ALA B 221 30.59 27.11 7.22
C ALA B 221 31.86 27.57 6.51
N THR B 222 32.97 26.88 6.77
CA THR B 222 34.22 27.11 6.04
C THR B 222 34.14 26.43 4.69
N ASN B 223 34.39 27.19 3.62
CA ASN B 223 34.10 26.68 2.30
C ASN B 223 35.13 25.67 1.81
N THR B 224 36.24 25.50 2.50
CA THR B 224 37.29 24.64 1.99
C THR B 224 37.13 23.18 2.41
N VAL B 225 36.12 22.86 3.22
CA VAL B 225 35.95 21.47 3.66
C VAL B 225 34.50 21.02 3.58
N VAL B 226 33.54 21.91 3.85
CA VAL B 226 32.14 21.59 3.71
C VAL B 226 31.46 22.60 2.81
N SER B 227 30.23 22.29 2.43
CA SER B 227 29.51 23.06 1.42
C SER B 227 28.91 24.32 2.04
N ASN B 228 28.22 25.10 1.20
CA ASN B 228 27.48 26.26 1.68
C ASN B 228 25.99 26.02 1.74
N SER B 229 25.47 25.07 0.97
CA SER B 229 24.06 24.73 0.97
C SER B 229 23.82 23.57 1.91
N VAL B 230 22.67 23.61 2.59
CA VAL B 230 22.16 22.50 3.38
C VAL B 230 20.67 22.41 3.12
N GLU B 231 20.19 21.24 2.73
CA GLU B 231 18.82 21.06 2.29
C GLU B 231 17.89 20.82 3.48
N ILE B 232 16.82 21.60 3.56
CA ILE B 232 15.78 21.40 4.55
C ILE B 232 14.80 20.39 4.00
N LEU B 233 14.53 19.33 4.76
CA LEU B 233 13.63 18.27 4.32
C LEU B 233 12.47 18.22 5.30
N ILE B 234 11.27 18.51 4.81
CA ILE B 234 10.09 18.62 5.67
C ILE B 234 9.24 17.39 5.46
N GLU B 235 8.79 16.79 6.56
CA GLU B 235 7.86 15.66 6.54
C GLU B 235 6.61 16.04 7.32
N VAL B 236 5.50 15.33 7.06
CA VAL B 236 4.25 15.60 7.77
C VAL B 236 3.66 14.30 8.29
N ASN B 237 3.34 14.31 9.57
CA ASN B 237 2.78 13.21 10.31
C ASN B 237 1.49 13.74 10.92
N ALA B 238 0.59 12.83 11.31
CA ALA B 238 -0.71 13.33 11.74
C ALA B 238 -1.04 12.99 13.18
N GLY B 239 -0.18 13.34 14.11
CA GLY B 239 -0.55 13.37 15.51
C GLY B 239 -1.20 12.11 16.04
N ASP B 240 -1.99 12.24 17.10
CA ASP B 240 -2.59 11.08 17.74
C ASP B 240 -4.09 11.31 17.93
N ASP B 241 -4.49 12.56 18.11
CA ASP B 241 -5.89 12.92 18.22
C ASP B 241 -6.52 13.25 16.89
N PHE B 242 -5.85 12.92 15.78
CA PHE B 242 -6.27 13.36 14.47
C PHE B 242 -7.55 12.63 14.07
N ASN B 243 -8.66 13.34 14.05
CA ASN B 243 -9.97 12.77 13.84
C ASN B 243 -10.56 13.34 12.58
N VAL B 244 -11.32 12.53 11.84
CA VAL B 244 -11.77 12.90 10.50
C VAL B 244 -13.19 12.40 10.31
N ILE B 245 -14.10 13.31 9.90
CA ILE B 245 -15.53 13.05 9.94
C ILE B 245 -16.17 13.46 8.61
N ALA B 246 -17.47 13.16 8.49
CA ALA B 246 -18.34 13.58 7.39
C ALA B 246 -17.90 13.01 6.05
N PRO B 247 -18.12 11.71 5.79
CA PRO B 247 -17.59 11.07 4.57
C PRO B 247 -18.47 11.26 3.34
N ILE B 248 -18.63 12.51 2.92
CA ILE B 248 -19.48 12.81 1.77
C ILE B 248 -18.71 13.60 0.72
N GLU B 249 -17.40 13.43 0.64
CA GLU B 249 -16.63 14.15 -0.36
C GLU B 249 -15.68 13.20 -1.07
N ASN B 250 -15.21 13.66 -2.22
CA ASN B 250 -14.11 13.05 -2.93
C ASN B 250 -13.29 14.16 -3.58
N ILE B 251 -12.01 14.21 -3.25
CA ILE B 251 -11.08 15.08 -3.95
C ILE B 251 -10.20 14.34 -4.94
N PHE B 252 -9.95 13.05 -4.74
CA PHE B 252 -9.03 12.30 -5.58
C PHE B 252 -9.67 10.96 -5.96
N PHE B 253 -9.74 10.71 -7.26
CA PHE B 253 -10.16 9.44 -7.83
C PHE B 253 -8.93 8.59 -8.09
N PRO B 254 -8.87 7.37 -7.56
CA PRO B 254 -7.74 6.50 -7.86
C PRO B 254 -7.99 5.67 -9.09
N PHE B 255 -6.90 5.26 -9.73
CA PHE B 255 -6.98 4.35 -10.86
C PHE B 255 -5.83 3.36 -10.78
N SER B 256 -6.01 2.24 -11.48
CA SER B 256 -4.99 1.23 -11.59
C SER B 256 -4.27 1.36 -12.93
N LEU B 257 -3.07 0.81 -12.99
CA LEU B 257 -2.28 0.88 -14.20
C LEU B 257 -2.41 -0.42 -14.98
N SER B 258 -2.04 -0.35 -16.25
CA SER B 258 -2.06 -1.51 -17.14
C SER B 258 -0.65 -2.07 -17.29
N PRO B 259 -0.48 -3.39 -17.32
CA PRO B 259 0.87 -3.95 -17.47
C PRO B 259 1.43 -3.71 -18.85
N GLY B 260 2.68 -3.29 -18.89
CA GLY B 260 3.36 -2.99 -20.15
C GLY B 260 4.56 -3.86 -20.43
N MET C 1 -11.54 -53.41 11.02
CA MET C 1 -10.39 -53.96 10.31
C MET C 1 -10.70 -55.33 9.72
N ALA C 2 -10.33 -55.53 8.46
CA ALA C 2 -10.36 -56.88 7.92
C ALA C 2 -9.40 -57.75 8.71
N GLU C 3 -9.92 -58.79 9.35
CA GLU C 3 -9.10 -59.59 10.25
C GLU C 3 -8.33 -60.64 9.47
N GLN C 4 -7.07 -60.85 9.87
CA GLN C 4 -6.14 -61.68 9.14
C GLN C 4 -5.46 -62.64 10.11
N ILE C 5 -5.56 -63.92 9.81
CA ILE C 5 -5.03 -64.99 10.64
C ILE C 5 -3.81 -65.53 9.93
N ASN C 6 -2.64 -65.06 10.30
CA ASN C 6 -1.38 -65.45 9.66
C ASN C 6 -0.57 -66.30 10.62
N GLU C 7 -0.09 -67.44 10.14
CA GLU C 7 0.77 -68.30 10.93
C GLU C 7 2.00 -68.77 10.16
N ASN C 8 2.13 -68.44 8.88
CA ASN C 8 3.28 -68.88 8.12
C ASN C 8 4.31 -67.79 7.86
N TYR C 9 3.99 -66.54 8.19
CA TYR C 9 4.91 -65.43 7.95
C TYR C 9 5.00 -64.57 9.20
N GLU C 10 6.22 -64.37 9.68
CA GLU C 10 6.44 -63.56 10.87
C GLU C 10 6.23 -62.09 10.57
N ASN C 11 5.49 -61.40 11.44
CA ASN C 11 5.36 -59.95 11.32
C ASN C 11 6.69 -59.28 11.64
N LYS C 12 7.65 -59.44 10.73
CA LYS C 12 9.01 -58.99 10.96
C LYS C 12 9.04 -57.48 11.16
N GLN C 13 8.62 -57.02 12.34
CA GLN C 13 8.57 -55.59 12.59
C GLN C 13 9.95 -55.01 12.86
N GLN C 14 10.84 -55.79 13.45
CA GLN C 14 12.25 -55.46 13.36
C GLN C 14 12.70 -55.78 11.94
N LEU C 15 14.01 -55.73 11.70
CA LEU C 15 14.51 -55.60 10.33
C LEU C 15 13.89 -54.40 9.63
N VAL C 16 13.38 -53.47 10.43
CA VAL C 16 12.81 -52.21 9.96
C VAL C 16 13.54 -51.13 10.71
N GLU C 17 14.47 -50.46 10.04
CA GLU C 17 15.35 -49.49 10.69
C GLU C 17 15.36 -48.22 9.85
N GLN C 18 14.71 -47.18 10.35
CA GLN C 18 14.80 -45.87 9.72
C GLN C 18 16.09 -45.19 10.15
N THR C 19 16.80 -44.60 9.19
CA THR C 19 18.02 -43.87 9.50
C THR C 19 17.84 -42.45 9.01
N GLU C 20 17.21 -41.63 9.86
CA GLU C 20 17.01 -40.20 9.67
C GLU C 20 15.91 -39.91 8.65
N ILE C 21 15.99 -40.49 7.46
CA ILE C 21 15.05 -40.17 6.39
C ILE C 21 14.62 -41.45 5.70
N THR C 22 15.58 -42.32 5.44
CA THR C 22 15.38 -43.55 4.71
C THR C 22 14.93 -44.66 5.65
N THR C 23 13.87 -45.35 5.28
CA THR C 23 13.37 -46.50 6.02
C THR C 23 13.66 -47.78 5.23
N PHE C 24 14.48 -48.66 5.79
CA PHE C 24 14.65 -50.00 5.24
C PHE C 24 13.67 -50.92 5.96
N GLU C 25 12.95 -51.74 5.19
CA GLU C 25 12.11 -52.80 5.73
C GLU C 25 12.54 -54.08 5.05
N ASN C 26 13.09 -55.01 5.81
CA ASN C 26 13.81 -56.14 5.23
C ASN C 26 13.17 -57.47 5.56
N ASP C 27 13.31 -58.44 4.65
CA ASP C 27 13.07 -59.85 4.95
C ASP C 27 14.37 -60.52 5.38
N LEU C 28 14.57 -61.78 5.00
CA LEU C 28 15.58 -62.68 5.56
C LEU C 28 16.32 -62.17 6.81
N ILE C 29 17.56 -61.69 6.67
CA ILE C 29 18.41 -61.43 7.82
C ILE C 29 19.14 -60.10 7.64
N VAL C 30 19.30 -59.35 8.72
CA VAL C 30 20.09 -58.12 8.72
C VAL C 30 21.33 -58.33 9.59
N LEU C 31 22.49 -58.06 9.04
CA LEU C 31 23.77 -58.31 9.71
C LEU C 31 24.55 -57.01 9.83
N GLU C 32 25.36 -56.91 10.89
CA GLU C 32 26.12 -55.71 11.16
C GLU C 32 27.33 -56.07 12.01
N ASP C 33 28.51 -55.59 11.61
CA ASP C 33 29.74 -55.96 12.31
C ASP C 33 30.75 -54.82 12.18
N GLY C 34 31.87 -54.99 12.88
CA GLY C 34 32.96 -54.04 12.87
C GLY C 34 33.93 -54.34 13.99
N PRO C 35 34.87 -53.45 14.26
CA PRO C 35 35.75 -53.65 15.42
C PRO C 35 34.95 -53.45 16.69
N GLN C 36 35.06 -54.41 17.61
CA GLN C 36 34.19 -54.41 18.78
C GLN C 36 34.78 -53.56 19.90
N MET C 37 33.95 -53.30 20.90
CA MET C 37 34.31 -52.48 22.06
C MET C 37 34.89 -51.13 21.63
N GLU C 38 34.07 -50.36 20.93
CA GLU C 38 34.52 -49.09 20.40
C GLU C 38 34.65 -48.05 21.52
N GLU C 39 35.75 -47.33 21.52
CA GLU C 39 35.99 -46.18 22.36
C GLU C 39 36.26 -44.97 21.47
N SER C 40 36.43 -43.81 22.10
CA SER C 40 36.78 -42.58 21.41
C SER C 40 37.90 -41.90 22.17
N LEU C 41 38.76 -41.22 21.43
CA LEU C 41 39.83 -40.45 22.06
C LEU C 41 39.26 -39.21 22.72
N PRO C 42 39.75 -38.85 23.90
CA PRO C 42 39.29 -37.62 24.54
C PRO C 42 39.56 -36.41 23.67
N PHE C 43 38.89 -35.31 24.03
CA PHE C 43 38.83 -34.15 23.14
C PHE C 43 40.14 -33.38 23.11
N ALA C 44 41.02 -33.56 24.11
CA ALA C 44 42.31 -32.90 24.01
C ALA C 44 43.12 -33.48 22.87
N PHE C 45 42.99 -34.80 22.66
CA PHE C 45 43.81 -35.50 21.67
C PHE C 45 43.50 -35.04 20.25
N HIS C 46 42.24 -34.73 19.96
CA HIS C 46 41.91 -34.12 18.68
C HIS C 46 41.24 -32.78 18.94
N GLY C 47 40.29 -32.38 18.09
CA GLY C 47 39.60 -31.14 18.35
C GLY C 47 40.45 -29.89 18.22
N GLN C 48 41.63 -29.98 17.62
CA GLN C 48 42.32 -28.79 17.16
C GLN C 48 41.82 -28.34 15.79
N HIS C 49 40.83 -29.04 15.23
CA HIS C 49 40.25 -28.73 13.94
C HIS C 49 38.88 -28.08 14.03
N THR C 50 38.31 -27.96 15.23
CA THR C 50 36.95 -27.45 15.40
C THR C 50 36.96 -26.29 16.39
N ASP C 51 35.90 -25.50 16.30
CA ASP C 51 35.59 -24.49 17.29
C ASP C 51 34.70 -25.10 18.36
N ASN C 52 34.68 -24.44 19.52
CA ASN C 52 33.89 -24.90 20.66
C ASN C 52 32.42 -24.51 20.49
N ARG C 53 31.84 -25.00 19.39
CA ARG C 53 30.50 -24.59 18.98
C ARG C 53 30.07 -25.51 17.85
N GLN C 54 28.75 -25.59 17.67
CA GLN C 54 28.15 -26.35 16.57
C GLN C 54 27.33 -25.42 15.69
N HIS C 55 27.31 -25.72 14.39
CA HIS C 55 26.60 -24.92 13.40
C HIS C 55 25.51 -25.77 12.76
N THR C 56 24.26 -25.36 12.92
CA THR C 56 23.18 -26.06 12.27
C THR C 56 22.96 -25.45 10.90
N VAL C 57 21.90 -25.86 10.23
CA VAL C 57 21.54 -25.24 8.96
C VAL C 57 20.69 -24.00 9.16
N VAL C 58 20.21 -23.75 10.38
CA VAL C 58 19.44 -22.53 10.64
C VAL C 58 20.35 -21.32 10.75
N ASN C 59 21.38 -21.39 11.59
CA ASN C 59 22.52 -20.55 11.26
C ASN C 59 23.13 -21.08 9.98
N PHE C 60 24.05 -20.32 9.40
CA PHE C 60 24.35 -20.37 7.97
C PHE C 60 23.25 -19.61 7.25
N LEU C 61 22.07 -19.52 7.84
CA LEU C 61 21.07 -18.60 7.35
C LEU C 61 20.99 -17.34 8.21
N GLN C 62 21.36 -17.44 9.48
CA GLN C 62 21.44 -16.27 10.34
C GLN C 62 22.76 -15.54 10.19
N ARG C 63 23.65 -16.02 9.32
CA ARG C 63 24.90 -15.32 9.07
C ARG C 63 24.65 -14.16 8.11
N PRO C 64 25.22 -12.98 8.39
CA PRO C 64 25.15 -11.91 7.39
C PRO C 64 26.00 -12.26 6.18
N GLN C 65 25.48 -11.90 5.01
CA GLN C 65 26.13 -12.20 3.74
C GLN C 65 26.25 -10.91 2.94
N VAL C 66 27.45 -10.62 2.42
CA VAL C 66 27.64 -9.41 1.66
C VAL C 66 26.93 -9.55 0.32
N ILE C 67 26.06 -8.59 0.01
CA ILE C 67 25.38 -8.56 -1.27
C ILE C 67 26.05 -7.52 -2.16
N PHE C 68 26.15 -6.29 -1.66
CA PHE C 68 26.69 -5.18 -2.42
C PHE C 68 27.87 -4.57 -1.68
N ASP C 69 28.79 -4.00 -2.46
CA ASP C 69 29.94 -3.28 -1.90
C ASP C 69 30.40 -2.29 -2.97
N SER C 70 29.91 -1.06 -2.89
CA SER C 70 30.04 -0.13 -4.01
C SER C 70 30.04 1.30 -3.46
N SER C 71 29.70 2.26 -4.31
CA SER C 71 29.66 3.66 -3.92
C SER C 71 28.59 4.39 -4.71
N TRP C 72 28.44 5.68 -4.43
CA TRP C 72 27.57 6.54 -5.22
C TRP C 72 28.05 7.99 -5.04
N ALA C 73 28.17 8.71 -6.14
CA ALA C 73 28.81 10.02 -6.12
C ALA C 73 27.77 11.10 -5.85
N SER C 74 28.17 12.35 -6.09
CA SER C 74 27.28 13.49 -5.93
C SER C 74 26.45 13.75 -7.17
N ASP C 75 26.64 12.97 -8.23
CA ASP C 75 25.93 13.22 -9.48
C ASP C 75 24.52 12.65 -9.45
N VAL C 76 24.24 11.70 -8.57
CA VAL C 76 22.90 11.14 -8.47
C VAL C 76 22.06 12.02 -7.56
N PRO C 77 20.85 12.41 -7.98
CA PRO C 77 20.06 13.35 -7.18
C PRO C 77 18.99 12.66 -6.36
N ARG C 78 18.11 13.44 -5.74
CA ARG C 78 17.01 12.85 -4.98
C ARG C 78 16.16 12.00 -5.92
N ASN C 79 15.50 10.99 -5.34
CA ASN C 79 14.58 10.12 -6.06
C ASN C 79 15.25 9.24 -7.09
N LYS C 80 16.57 9.10 -7.07
CA LYS C 80 17.26 8.19 -7.96
C LYS C 80 18.02 7.15 -7.15
N GLN C 81 18.22 5.97 -7.75
CA GLN C 81 18.81 4.88 -7.00
C GLN C 81 20.30 5.11 -6.76
N PHE C 82 20.75 4.77 -5.55
CA PHE C 82 22.17 4.71 -5.21
C PHE C 82 22.70 3.29 -5.12
N MET C 83 21.83 2.29 -5.07
CA MET C 83 22.22 0.89 -5.06
C MET C 83 21.25 0.14 -5.95
N ASP C 84 21.69 -1.02 -6.43
CA ASP C 84 20.81 -1.85 -7.22
C ASP C 84 19.69 -2.41 -6.37
N SER C 85 18.57 -2.69 -6.99
CA SER C 85 17.45 -3.28 -6.28
C SER C 85 17.78 -4.72 -5.89
N ILE C 86 17.21 -5.16 -4.76
CA ILE C 86 17.41 -6.50 -4.24
C ILE C 86 16.07 -7.20 -4.15
N MET C 87 15.97 -8.36 -4.77
CA MET C 87 14.80 -9.21 -4.58
C MET C 87 15.02 -10.06 -3.36
N ILE C 88 14.03 -10.08 -2.47
CA ILE C 88 14.06 -10.89 -1.26
C ILE C 88 13.22 -12.13 -1.51
N PRO C 89 13.79 -13.34 -1.41
CA PRO C 89 15.16 -13.61 -1.04
C PRO C 89 16.02 -14.07 -2.21
N ASP C 90 15.57 -13.83 -3.44
CA ASP C 90 16.23 -14.40 -4.60
C ASP C 90 17.66 -13.90 -4.73
N ASP C 91 17.87 -12.59 -4.58
CA ASP C 91 19.20 -12.02 -4.64
C ASP C 91 20.01 -12.25 -3.37
N ILE C 92 19.45 -12.95 -2.39
CA ILE C 92 20.17 -13.32 -1.17
C ILE C 92 20.53 -14.79 -1.18
N ILE C 93 19.53 -15.67 -1.32
CA ILE C 93 19.79 -17.09 -1.30
C ILE C 93 20.53 -17.60 -2.53
N SER C 94 20.85 -16.75 -3.49
CA SER C 94 21.64 -17.17 -4.64
C SER C 94 23.15 -17.14 -4.38
N PHE C 95 23.56 -16.66 -3.22
CA PHE C 95 24.96 -16.73 -2.85
C PHE C 95 25.29 -18.14 -2.36
N PRO C 96 26.51 -18.61 -2.58
CA PRO C 96 26.80 -20.03 -2.33
C PRO C 96 26.69 -20.45 -0.89
N MET C 97 26.96 -19.56 0.07
CA MET C 97 26.88 -19.96 1.47
C MET C 97 25.46 -20.40 1.81
N PHE C 98 24.46 -19.62 1.38
CA PHE C 98 23.06 -19.96 1.64
C PHE C 98 22.56 -21.05 0.70
N ALA C 99 22.81 -20.90 -0.60
CA ALA C 99 22.23 -21.83 -1.57
C ALA C 99 22.67 -23.27 -1.30
N GLU C 100 23.91 -23.46 -0.86
CA GLU C 100 24.37 -24.82 -0.58
C GLU C 100 23.64 -25.41 0.60
N LYS C 101 23.14 -24.58 1.48
CA LYS C 101 22.44 -25.08 2.65
C LYS C 101 20.95 -25.25 2.40
N LEU C 102 20.32 -24.26 1.75
CA LEU C 102 18.89 -24.38 1.47
C LEU C 102 18.58 -25.55 0.57
N LYS C 103 19.54 -25.98 -0.24
CA LYS C 103 19.33 -27.16 -1.08
C LYS C 103 18.94 -28.34 -0.22
N GLY C 104 18.09 -29.20 -0.76
CA GLY C 104 17.54 -30.28 0.02
C GLY C 104 16.39 -29.87 0.92
N PHE C 105 15.92 -28.63 0.83
CA PHE C 105 14.75 -28.17 1.56
C PHE C 105 13.70 -27.70 0.57
N SER C 106 12.44 -28.00 0.87
CA SER C 106 11.34 -27.59 0.01
C SER C 106 11.23 -26.08 -0.05
N SER C 107 11.13 -25.44 1.11
CA SER C 107 10.69 -24.05 1.15
C SER C 107 11.34 -23.37 2.35
N LEU C 108 11.05 -22.08 2.49
CA LEU C 108 11.60 -21.27 3.57
C LEU C 108 10.59 -20.24 4.00
N ARG C 109 10.31 -20.18 5.30
CA ARG C 109 9.50 -19.12 5.89
C ARG C 109 10.32 -18.48 7.01
N ALA C 110 10.74 -17.25 6.79
CA ALA C 110 11.58 -16.55 7.73
C ALA C 110 11.50 -15.06 7.45
N THR C 111 11.84 -14.27 8.44
CA THR C 111 11.98 -12.83 8.26
C THR C 111 13.40 -12.56 7.82
N ALA C 112 13.56 -11.67 6.84
CA ALA C 112 14.86 -11.34 6.29
C ALA C 112 15.34 -10.02 6.85
N VAL C 113 16.65 -9.90 7.04
CA VAL C 113 17.24 -8.72 7.65
C VAL C 113 18.27 -8.17 6.69
N ILE C 114 18.00 -6.99 6.15
CA ILE C 114 18.90 -6.27 5.26
C ILE C 114 19.59 -5.18 6.07
N THR C 115 20.90 -5.30 6.21
CA THR C 115 21.72 -4.31 6.89
C THR C 115 22.67 -3.67 5.90
N VAL C 116 22.88 -2.36 6.05
CA VAL C 116 23.70 -1.59 5.13
C VAL C 116 24.65 -0.71 5.93
N GLN C 117 25.92 -0.75 5.59
CA GLN C 117 26.93 0.11 6.20
C GLN C 117 27.14 1.36 5.35
N PHE C 118 27.75 2.38 5.96
CA PHE C 118 27.94 3.66 5.31
C PHE C 118 29.24 4.27 5.79
N GLN C 119 30.08 4.71 4.86
CA GLN C 119 31.37 5.29 5.19
C GLN C 119 31.35 6.80 5.00
N THR C 120 31.78 7.53 6.03
CA THR C 120 31.65 8.99 6.07
C THR C 120 32.82 9.58 6.84
N GLN C 121 33.59 10.43 6.18
CA GLN C 121 34.35 11.25 7.10
C GLN C 121 33.55 12.50 7.46
N PRO C 122 33.72 13.04 8.67
CA PRO C 122 32.73 13.97 9.25
C PRO C 122 32.44 15.23 8.44
N PHE C 123 33.02 15.36 7.25
CA PHE C 123 32.80 16.53 6.41
C PHE C 123 31.76 16.30 5.33
N GLN C 124 31.13 15.14 5.31
CA GLN C 124 30.19 14.79 4.25
C GLN C 124 28.75 14.88 4.76
N ALA C 125 27.84 15.23 3.85
CA ALA C 125 26.44 15.41 4.20
C ALA C 125 25.59 14.57 3.27
N GLY C 126 24.28 14.57 3.52
CA GLY C 126 23.34 13.82 2.72
C GLY C 126 22.47 12.89 3.54
N ARG C 127 21.35 12.47 2.99
CA ARG C 127 20.52 11.43 3.59
C ARG C 127 20.11 10.46 2.49
N VAL C 128 19.81 9.24 2.90
CA VAL C 128 19.57 8.14 1.97
C VAL C 128 18.52 7.23 2.58
N MET C 129 17.67 6.69 1.73
CA MET C 129 16.49 5.95 2.16
C MET C 129 16.56 4.52 1.65
N LEU C 130 16.13 3.57 2.47
CA LEU C 130 16.14 2.16 2.13
C LEU C 130 14.77 1.58 2.44
N GLY C 131 14.01 1.26 1.40
CA GLY C 131 12.66 0.75 1.55
C GLY C 131 12.50 -0.63 0.93
N SER C 132 11.30 -1.17 1.11
CA SER C 132 11.00 -2.54 0.66
C SER C 132 9.56 -2.63 0.20
N PHE C 133 9.35 -2.94 -1.09
CA PHE C 133 8.00 -3.09 -1.63
C PHE C 133 7.56 -4.55 -1.55
N PRO C 134 6.47 -4.87 -0.85
CA PRO C 134 6.13 -6.27 -0.63
C PRO C 134 5.53 -6.95 -1.84
N LEU C 135 5.99 -8.17 -2.11
CA LEU C 135 5.48 -9.02 -3.16
C LEU C 135 5.50 -8.31 -4.51
N PRO C 136 6.69 -8.10 -5.09
CA PRO C 136 6.75 -7.36 -6.35
C PRO C 136 6.32 -8.16 -7.56
N THR C 137 6.35 -9.49 -7.50
CA THR C 137 5.90 -10.28 -8.63
C THR C 137 4.40 -10.45 -8.66
N LEU C 138 3.71 -10.19 -7.56
CA LEU C 138 2.26 -10.35 -7.53
C LEU C 138 1.53 -9.07 -7.86
N ASN C 139 2.12 -7.91 -7.59
CA ASN C 139 1.55 -6.61 -7.95
C ASN C 139 2.57 -5.83 -8.77
N PRO C 140 2.91 -6.30 -9.98
CA PRO C 140 3.89 -5.58 -10.79
C PRO C 140 3.35 -4.26 -11.32
N THR C 141 2.04 -4.11 -11.38
CA THR C 141 1.44 -2.85 -11.78
C THR C 141 1.88 -1.70 -10.90
N ARG C 142 2.11 -1.95 -9.62
CA ARG C 142 2.33 -0.89 -8.64
C ARG C 142 3.77 -0.72 -8.20
N VAL C 143 4.68 -1.57 -8.68
CA VAL C 143 6.05 -1.54 -8.17
C VAL C 143 6.70 -0.20 -8.47
N LYS C 144 6.87 0.12 -9.75
CA LYS C 144 7.68 1.27 -10.08
C LYS C 144 7.03 2.60 -9.73
N PHE C 145 5.75 2.63 -9.36
CA PHE C 145 5.17 3.88 -8.91
C PHE C 145 5.37 4.10 -7.42
N ALA C 146 5.55 3.03 -6.67
CA ALA C 146 5.83 3.15 -5.25
C ALA C 146 7.32 3.18 -4.95
N THR C 147 8.16 3.11 -5.97
CA THR C 147 9.59 3.14 -5.76
C THR C 147 10.35 4.14 -6.64
N ASN C 148 9.67 4.91 -7.48
CA ASN C 148 10.37 5.93 -8.26
C ASN C 148 10.48 7.26 -7.51
N HIS C 149 9.81 7.40 -6.37
CA HIS C 149 9.81 8.66 -5.68
C HIS C 149 9.89 8.44 -4.18
N VAL C 150 10.82 9.14 -3.54
CA VAL C 150 10.74 9.35 -2.10
C VAL C 150 9.42 10.00 -1.76
N SER C 151 8.85 9.64 -0.62
CA SER C 151 7.55 10.06 -0.08
C SER C 151 6.44 9.20 -0.64
N ARG C 152 6.74 8.27 -1.56
CA ARG C 152 5.92 7.10 -1.82
C ARG C 152 6.58 5.81 -1.40
N LEU C 153 7.90 5.82 -1.22
CA LEU C 153 8.62 4.73 -0.59
C LEU C 153 8.63 4.84 0.93
N MET C 154 8.77 6.03 1.47
CA MET C 154 8.93 6.16 2.92
C MET C 154 7.64 5.93 3.67
N LEU C 155 6.48 6.02 3.02
CA LEU C 155 5.26 5.63 3.72
C LEU C 155 5.09 4.13 3.73
N LEU C 156 5.75 3.44 2.82
CA LEU C 156 5.98 2.01 2.93
C LEU C 156 6.94 1.76 4.11
N ASN C 157 7.29 0.49 4.32
CA ASN C 157 8.21 0.14 5.40
C ASN C 157 9.64 0.48 4.97
N HIS C 158 10.24 1.48 5.60
CA HIS C 158 11.50 2.03 5.14
C HIS C 158 12.42 2.30 6.32
N VAL C 159 13.68 2.59 5.99
CA VAL C 159 14.70 2.94 6.98
C VAL C 159 15.63 3.99 6.37
N GLN C 160 15.77 5.12 7.03
CA GLN C 160 16.60 6.23 6.57
C GLN C 160 17.97 6.23 7.25
N CYS C 161 18.90 6.97 6.66
CA CYS C 161 20.24 7.11 7.21
C CYS C 161 20.76 8.51 6.95
N ASP C 162 21.03 9.26 8.01
CA ASP C 162 21.74 10.53 7.88
C ASP C 162 23.22 10.24 7.72
N ILE C 163 23.78 10.58 6.56
CA ILE C 163 25.13 10.14 6.20
C ILE C 163 26.13 10.53 7.28
N ALA C 164 25.93 11.68 7.92
CA ALA C 164 26.84 12.16 8.93
C ALA C 164 26.46 11.73 10.34
N LYS C 165 25.53 10.79 10.49
CA LYS C 165 25.11 10.36 11.81
C LYS C 165 25.07 8.85 11.92
N GLU C 166 24.43 8.16 10.98
CA GLU C 166 24.30 6.70 11.04
C GLU C 166 25.40 6.05 10.21
N THR C 167 26.19 5.18 10.84
CA THR C 167 27.18 4.38 10.14
C THR C 167 26.70 2.97 9.84
N GLU C 168 25.57 2.56 10.40
CA GLU C 168 24.98 1.27 10.11
C GLU C 168 23.48 1.46 10.14
N VAL C 169 22.79 0.65 9.35
CA VAL C 169 21.34 0.74 9.20
C VAL C 169 20.82 -0.64 8.85
N SER C 170 19.76 -1.07 9.52
CA SER C 170 19.26 -2.43 9.32
C SER C 170 17.75 -2.42 9.35
N LEU C 171 17.14 -2.89 8.27
CA LEU C 171 15.69 -2.96 8.14
C LEU C 171 15.25 -4.41 8.31
N ARG C 172 14.28 -4.63 9.17
CA ARG C 172 13.76 -5.98 9.41
C ARG C 172 12.48 -6.15 8.58
N ILE C 173 12.54 -7.11 7.66
CA ILE C 173 11.44 -7.39 6.74
C ILE C 173 10.84 -8.74 7.15
N PRO C 174 9.68 -8.78 7.78
CA PRO C 174 9.08 -10.07 8.11
C PRO C 174 8.53 -10.72 6.86
N PHE C 175 8.46 -12.05 6.91
CA PHE C 175 7.89 -12.81 5.81
C PHE C 175 6.42 -12.47 5.64
N VAL C 176 6.01 -12.28 4.39
CA VAL C 176 4.62 -11.98 4.09
C VAL C 176 4.30 -12.46 2.67
N SER C 177 3.21 -13.21 2.55
CA SER C 177 2.90 -13.90 1.32
C SER C 177 1.44 -14.33 1.35
N PRO C 178 0.81 -14.52 0.19
CA PRO C 178 -0.47 -15.24 0.18
C PRO C 178 -0.33 -16.67 0.63
N TYR C 179 0.89 -17.16 0.74
CA TYR C 179 1.19 -18.56 1.02
C TYR C 179 1.76 -18.71 2.41
N ASN C 180 2.18 -19.94 2.70
CA ASN C 180 2.80 -20.22 3.99
C ASN C 180 4.30 -19.95 3.96
N SER C 181 4.95 -20.21 2.83
CA SER C 181 6.41 -20.18 2.80
C SER C 181 6.85 -19.63 1.45
N TYR C 182 8.14 -19.77 1.16
CA TYR C 182 8.73 -19.34 -0.10
C TYR C 182 9.24 -20.58 -0.81
N ASP C 183 8.59 -20.93 -1.92
CA ASP C 183 8.99 -22.12 -2.66
C ASP C 183 10.44 -21.98 -3.09
N LEU C 184 11.29 -22.89 -2.63
CA LEU C 184 12.71 -22.85 -3.01
C LEU C 184 13.01 -23.56 -4.30
N VAL C 185 12.31 -24.66 -4.61
CA VAL C 185 12.64 -25.42 -5.81
C VAL C 185 12.26 -24.66 -7.06
N SER C 186 11.26 -23.78 -6.98
CA SER C 186 10.86 -22.97 -8.12
C SER C 186 11.09 -21.48 -7.91
N LYS C 187 11.54 -21.05 -6.74
CA LYS C 187 11.85 -19.66 -6.45
C LYS C 187 10.65 -18.76 -6.73
N ARG C 188 9.47 -19.22 -6.36
CA ARG C 188 8.22 -18.53 -6.65
C ARG C 188 7.75 -17.74 -5.44
N PHE C 189 7.39 -16.48 -5.69
CA PHE C 189 6.74 -15.53 -4.81
C PHE C 189 7.72 -14.88 -3.83
N PRO C 190 8.63 -14.04 -4.32
CA PRO C 190 9.48 -13.26 -3.41
C PRO C 190 8.64 -12.25 -2.66
N TRP C 191 8.94 -12.07 -1.38
CA TRP C 191 8.05 -11.33 -0.50
C TRP C 191 8.44 -9.87 -0.33
N ALA C 192 9.46 -9.38 -1.02
CA ALA C 192 9.78 -7.96 -1.00
C ALA C 192 10.84 -7.66 -2.05
N LYS C 193 10.89 -6.39 -2.46
CA LYS C 193 11.91 -5.86 -3.38
C LYS C 193 12.54 -4.65 -2.71
N VAL C 194 13.74 -4.83 -2.19
CA VAL C 194 14.45 -3.74 -1.52
C VAL C 194 14.98 -2.78 -2.57
N VAL C 195 14.67 -1.50 -2.41
CA VAL C 195 15.15 -0.47 -3.32
C VAL C 195 15.79 0.64 -2.51
N GLY C 196 16.77 1.30 -3.11
CA GLY C 196 17.52 2.30 -2.39
C GLY C 196 17.57 3.62 -3.11
N LEU C 197 16.96 4.64 -2.53
CA LEU C 197 16.82 5.94 -3.16
C LEU C 197 17.71 6.95 -2.45
N VAL C 198 17.78 8.15 -3.00
CA VAL C 198 18.58 9.23 -2.44
C VAL C 198 17.62 10.26 -1.88
N TYR C 199 17.59 10.39 -0.55
CA TYR C 199 16.73 11.40 0.04
C TYR C 199 17.26 12.79 -0.18
N SER C 200 18.59 12.95 -0.26
CA SER C 200 19.15 14.27 -0.51
C SER C 200 20.53 14.04 -1.10
N PRO C 201 20.97 14.85 -2.05
CA PRO C 201 22.25 14.57 -2.71
C PRO C 201 23.43 14.89 -1.81
N LEU C 202 24.60 14.43 -2.24
CA LEU C 202 25.83 14.77 -1.54
C LEU C 202 26.21 16.22 -1.77
N THR C 203 26.88 16.81 -0.79
CA THR C 203 27.25 18.21 -0.84
C THR C 203 28.73 18.41 -1.16
N THR C 204 29.50 17.34 -1.26
CA THR C 204 30.90 17.42 -1.63
C THR C 204 31.15 16.47 -2.78
N THR C 205 32.36 16.55 -3.33
CA THR C 205 32.74 15.67 -4.43
C THR C 205 32.95 14.23 -3.98
N ILE C 206 33.37 14.03 -2.73
CA ILE C 206 33.79 12.73 -2.23
C ILE C 206 32.62 11.75 -2.16
N PRO C 207 32.63 10.69 -2.94
CA PRO C 207 31.52 9.73 -2.90
C PRO C 207 31.46 9.02 -1.56
N VAL C 208 30.36 8.31 -1.36
CA VAL C 208 30.13 7.54 -0.15
C VAL C 208 30.08 6.07 -0.54
N ASP C 209 30.76 5.23 0.24
CA ASP C 209 30.78 3.79 0.02
C ASP C 209 29.83 3.09 0.99
N PHE C 210 29.33 1.94 0.57
CA PHE C 210 28.32 1.25 1.37
C PHE C 210 28.46 -0.26 1.17
N ILE C 211 28.12 -1.01 2.20
CA ILE C 211 28.09 -2.47 2.13
C ILE C 211 26.71 -2.93 2.54
N VAL C 212 26.14 -3.85 1.78
CA VAL C 212 24.79 -4.33 2.02
C VAL C 212 24.89 -5.76 2.50
N TYR C 213 24.44 -6.01 3.73
CA TYR C 213 24.39 -7.35 4.30
C TYR C 213 22.96 -7.86 4.29
N GLY C 214 22.83 -9.19 4.25
CA GLY C 214 21.53 -9.80 4.30
C GLY C 214 21.53 -11.14 5.00
N HIS C 215 20.64 -11.33 5.96
CA HIS C 215 20.51 -12.62 6.60
C HIS C 215 19.04 -12.85 6.95
N PHE C 216 18.76 -13.98 7.57
CA PHE C 216 17.41 -14.34 7.96
C PHE C 216 17.37 -14.64 9.45
N GLU C 217 16.21 -14.38 10.05
CA GLU C 217 15.90 -14.82 11.40
C GLU C 217 14.50 -15.43 11.37
N ASP C 218 14.06 -15.99 12.49
CA ASP C 218 12.75 -16.65 12.56
C ASP C 218 12.59 -17.68 11.45
N VAL C 219 13.54 -18.60 11.39
CA VAL C 219 13.68 -19.48 10.24
C VAL C 219 12.89 -20.77 10.47
N GLU C 220 11.98 -21.07 9.56
CA GLU C 220 11.25 -22.33 9.54
C GLU C 220 11.54 -23.03 8.20
N LEU C 221 12.41 -24.03 8.22
CA LEU C 221 12.73 -24.72 6.98
C LEU C 221 11.69 -25.79 6.69
N GLY C 222 11.46 -26.03 5.40
CA GLY C 222 10.40 -26.91 4.96
C GLY C 222 10.74 -28.38 5.01
N CYS C 223 10.10 -29.15 4.15
CA CYS C 223 10.30 -30.59 4.06
C CYS C 223 11.49 -30.91 3.18
N PRO C 224 12.22 -31.98 3.47
CA PRO C 224 13.35 -32.32 2.61
C PRO C 224 12.85 -32.81 1.26
N THR C 225 13.59 -32.45 0.22
CA THR C 225 13.17 -32.63 -1.17
C THR C 225 14.41 -32.82 -2.03
N SER C 226 14.21 -33.38 -3.22
CA SER C 226 15.29 -33.41 -4.21
C SER C 226 15.51 -32.04 -4.84
N GLY C 227 14.43 -31.35 -5.17
CA GLY C 227 14.51 -29.96 -5.58
C GLY C 227 14.87 -29.71 -7.02
N MET C 228 14.55 -30.63 -7.91
CA MET C 228 14.90 -30.51 -9.32
C MET C 228 13.62 -30.49 -10.15
N LEU C 229 13.58 -29.60 -11.12
CA LEU C 229 12.41 -29.46 -11.99
C LEU C 229 12.80 -29.70 -13.44
N ALA C 230 11.82 -30.08 -14.25
CA ALA C 230 12.07 -30.37 -15.65
C ALA C 230 12.30 -29.08 -16.44
N GLN C 231 12.93 -29.22 -17.60
CA GLN C 231 13.13 -28.09 -18.49
C GLN C 231 13.28 -28.57 -19.93
#